data_6T4C
#
_entry.id   6T4C
#
_cell.length_a   342.75
_cell.length_b   348.16
_cell.length_c   351.42
_cell.angle_alpha   90
_cell.angle_beta   90
_cell.angle_gamma   90
#
_symmetry.space_group_name_H-M   'I 2 2 2'
#
loop_
_entity.id
_entity.type
_entity.pdbx_description
1 polymer VP1
2 polymer VP2
3 polymer VP3
4 polymer VP4
5 non-polymer 'STEARIC ACID'
6 non-polymer 'SULFATE ION'
7 non-polymer GLYCEROL
8 non-polymer 'POTASSIUM ION'
9 non-polymer GLUTATHIONE
10 water water
#
loop_
_entity_poly.entity_id
_entity_poly.type
_entity_poly.pdbx_seq_one_letter_code
_entity_poly.pdbx_strand_id
1 'polypeptide(L)'
;GETGQVIKSAVRSTVENTVQSTHSITTEATPALQAAETGATSNASDESMIETRNVVNTHGVAETSLEAFYGRAGLVAMFS
TDGGIYRWYINFGEYVQLRAKLELLTYARFDMEFTIVAQVVNAQSKVQDFNVDYQVMFVPPGASVPENQDSYQWQSSCNP
SVISNTGLPPARVSVPFMSSANAYSFSYDGYTQFGDTSGSSYGIVPSNYLGMLVVRTCEDLDGTRLRVRVYAKPKHVKGW
IPRSPRMTPYKSRYTGVYTDTTKFCANRARITTAG
;
A
2 'polypeptide(L)'
;SAEACGYSDRVAQLTLGNSTITTQEAANIVVGYGRWPTSLRDTDATAVDKPTQPGVSAERFYTLPSVQWTNSFKGHYWKL
PDALSELGLFGQNLQFHYLYRGGWVIHVQCNATKFHQGTLLVVATPEHKIQSAESPAFARTNPGEQGAAYQFPFTFEDGT
ALGNALIYPHQWVNLRTNNSATLVLPYVNALPMDSGIRHNNWTLSVIPIVPLEYAAGATTYVPITVTIAPMCTEYNGLRA
AVTQ
;
B
3 'polypeptide(L)'
;GIPTLYTPGSGQFLTTDDFQTPCMLPKFQPTPVIDIPGEVKNFLEVVQVESLVEINNVESAEGVARYRIPLNVQDAMDGQ
IMALRVDPGIDGPMQSTLLGVFTRYYAQWSGSLDFTFMFCGTFMTTGKVIIAYTPPGGDQPTNRRQAMLGTHVVWDFGLQ
SSITLVVPWISSGHFRGTTLENTIYKYRYYEAGYITMWYQTNMVVPPNFPTTASILMFVAAQPNFSLRILKDRPDISQEG
ALQ
;
C
4 'polypeptide(L)' MGAQMSKNTAGSHTTGTYATGGSNIHYTNINYYENAASNSLNKQDFTQDPEKFTRPVVDVMKEAAVPLKSP D
#
# COMPACT_ATOMS: atom_id res chain seq x y z
N GLY A 4 3.88 -22.71 -2.97
CA GLY A 4 2.43 -22.56 -3.29
C GLY A 4 2.12 -21.31 -4.11
N GLN A 5 3.11 -20.82 -4.84
CA GLN A 5 2.94 -19.64 -5.66
C GLN A 5 2.29 -20.01 -6.99
N VAL A 6 1.03 -19.62 -7.17
CA VAL A 6 0.29 -19.92 -8.39
C VAL A 6 0.38 -18.82 -9.45
N ILE A 7 0.74 -17.61 -9.01
CA ILE A 7 0.87 -16.48 -9.93
C ILE A 7 2.35 -16.16 -10.17
N LYS A 8 2.77 -16.25 -11.43
CA LYS A 8 4.15 -15.97 -11.81
C LYS A 8 4.45 -14.48 -11.88
N SER A 9 5.74 -14.14 -11.88
CA SER A 9 6.17 -12.75 -11.94
C SER A 9 7.37 -12.57 -12.88
N ALA A 10 7.12 -12.65 -14.18
CA ALA A 10 8.17 -12.48 -15.18
C ALA A 10 8.69 -11.04 -15.12
N VAL A 11 9.98 -10.86 -15.38
CA VAL A 11 10.57 -9.51 -15.35
C VAL A 11 10.54 -8.82 -16.71
N ARG A 12 10.49 -7.49 -16.68
CA ARG A 12 10.46 -6.68 -17.90
C ARG A 12 11.34 -5.44 -17.68
N SER A 13 11.98 -4.97 -18.76
CA SER A 13 12.84 -3.80 -18.67
C SER A 13 12.25 -2.58 -19.40
N THR A 14 11.09 -2.78 -20.04
CA THR A 14 10.41 -1.68 -20.74
C THR A 14 8.90 -1.90 -20.55
N VAL A 15 8.11 -0.84 -20.74
CA VAL A 15 6.66 -0.95 -20.60
C VAL A 15 6.14 -1.74 -21.79
N GLU A 16 4.86 -2.11 -21.79
CA GLU A 16 4.31 -2.90 -22.88
C GLU A 16 4.05 -2.13 -24.18
N ASN A 17 4.34 -2.77 -25.32
CA ASN A 17 4.11 -2.19 -26.64
C ASN A 17 2.62 -2.16 -26.91
N THR A 18 2.24 -1.46 -27.98
CA THR A 18 0.86 -1.40 -28.42
C THR A 18 0.90 -2.09 -29.78
N VAL A 19 -0.05 -2.98 -30.03
CA VAL A 19 -0.12 -3.65 -31.32
C VAL A 19 -1.36 -3.15 -32.03
N GLN A 20 -1.28 -2.97 -33.34
CA GLN A 20 -2.42 -2.49 -34.11
C GLN A 20 -3.60 -3.43 -33.96
N SER A 21 -4.80 -2.88 -33.87
CA SER A 21 -6.00 -3.71 -33.72
C SER A 21 -7.07 -3.21 -34.69
N THR A 22 -8.05 -4.06 -34.97
CA THR A 22 -9.12 -3.67 -35.87
C THR A 22 -10.47 -3.71 -35.15
N HIS A 23 -11.55 -3.46 -35.87
CA HIS A 23 -12.87 -3.46 -35.27
C HIS A 23 -13.28 -4.86 -34.83
N SER A 24 -14.29 -4.93 -33.98
CA SER A 24 -14.79 -6.20 -33.48
C SER A 24 -16.29 -6.08 -33.24
N ILE A 25 -17.06 -6.92 -33.92
CA ILE A 25 -18.51 -6.92 -33.80
C ILE A 25 -18.88 -8.37 -33.50
N THR A 26 -19.05 -8.70 -32.22
CA THR A 26 -19.35 -10.07 -31.85
C THR A 26 -20.07 -10.22 -30.51
N THR A 27 -20.58 -11.42 -30.28
CA THR A 27 -21.27 -11.74 -29.02
C THR A 27 -20.30 -12.58 -28.19
N GLU A 28 -19.19 -12.99 -28.81
CA GLU A 28 -18.21 -13.81 -28.12
C GLU A 28 -17.31 -13.02 -27.16
N ALA A 29 -16.33 -12.33 -27.71
CA ALA A 29 -15.39 -11.56 -26.91
C ALA A 29 -15.96 -10.25 -26.37
N THR A 30 -15.95 -10.12 -25.04
CA THR A 30 -16.44 -8.89 -24.42
C THR A 30 -15.42 -8.38 -23.39
N PRO A 31 -14.26 -7.90 -23.87
CA PRO A 31 -13.20 -7.39 -23.00
C PRO A 31 -13.65 -6.30 -22.01
N ALA A 32 -14.57 -5.44 -22.45
CA ALA A 32 -15.04 -4.34 -21.62
C ALA A 32 -15.86 -4.72 -20.38
N LEU A 33 -16.56 -5.85 -20.42
CA LEU A 33 -17.38 -6.27 -19.29
C LEU A 33 -16.48 -6.74 -18.15
N GLN A 34 -16.67 -6.18 -16.97
CA GLN A 34 -15.83 -6.55 -15.84
C GLN A 34 -16.64 -6.83 -14.58
N ALA A 35 -15.94 -7.15 -13.49
CA ALA A 35 -16.59 -7.45 -12.22
C ALA A 35 -15.59 -7.20 -11.09
N ALA A 36 -15.57 -5.98 -10.57
CA ALA A 36 -14.64 -5.62 -9.52
C ALA A 36 -14.82 -6.41 -8.22
N GLU A 37 -15.99 -7.03 -8.04
CA GLU A 37 -16.25 -7.81 -6.83
C GLU A 37 -15.25 -8.93 -6.62
N THR A 38 -14.69 -9.47 -7.71
CA THR A 38 -13.72 -10.56 -7.64
C THR A 38 -12.44 -10.19 -6.92
N GLY A 39 -12.14 -8.89 -6.84
CA GLY A 39 -10.92 -8.45 -6.19
C GLY A 39 -9.82 -8.26 -7.21
N ALA A 40 -10.11 -8.59 -8.47
CA ALA A 40 -9.13 -8.45 -9.53
C ALA A 40 -9.31 -7.15 -10.28
N THR A 41 -8.19 -6.53 -10.65
CA THR A 41 -8.19 -5.29 -11.42
C THR A 41 -8.56 -5.67 -12.85
N SER A 42 -9.28 -4.77 -13.53
CA SER A 42 -9.71 -5.02 -14.91
C SER A 42 -8.59 -5.53 -15.81
N ASN A 43 -8.92 -6.43 -16.74
CA ASN A 43 -7.88 -6.93 -17.66
C ASN A 43 -8.17 -6.46 -19.09
N ALA A 44 -9.00 -5.43 -19.23
CA ALA A 44 -9.32 -4.88 -20.54
C ALA A 44 -8.07 -4.18 -21.05
N SER A 45 -7.62 -4.56 -22.26
CA SER A 45 -6.43 -3.94 -22.83
C SER A 45 -6.78 -2.80 -23.78
N ASP A 46 -5.82 -1.92 -24.03
CA ASP A 46 -6.03 -0.79 -24.94
C ASP A 46 -6.54 -1.28 -26.29
N GLU A 47 -5.86 -2.28 -26.83
CA GLU A 47 -6.21 -2.84 -28.14
C GLU A 47 -7.61 -3.40 -28.27
N SER A 48 -8.22 -3.77 -27.14
CA SER A 48 -9.56 -4.34 -27.14
C SER A 48 -10.68 -3.30 -27.00
N MET A 49 -10.33 -2.12 -26.49
CA MET A 49 -11.31 -1.06 -26.27
C MET A 49 -11.45 -0.06 -27.41
N ILE A 50 -10.38 0.09 -28.19
CA ILE A 50 -10.39 1.00 -29.34
C ILE A 50 -9.47 0.40 -30.41
N GLU A 51 -9.53 0.94 -31.61
CA GLU A 51 -8.64 0.47 -32.66
C GLU A 51 -7.33 1.20 -32.40
N THR A 52 -6.26 0.43 -32.25
CA THR A 52 -4.94 0.97 -31.97
C THR A 52 -3.99 0.83 -33.14
N ARG A 53 -2.84 1.50 -33.04
CA ARG A 53 -1.80 1.43 -34.06
C ARG A 53 -0.64 0.69 -33.40
N ASN A 54 0.40 0.38 -34.17
CA ASN A 54 1.56 -0.27 -33.60
C ASN A 54 2.41 0.80 -32.94
N VAL A 55 2.87 0.53 -31.73
CA VAL A 55 3.74 1.46 -31.03
C VAL A 55 4.83 0.62 -30.36
N VAL A 56 6.05 0.71 -30.88
CA VAL A 56 7.16 -0.02 -30.27
C VAL A 56 7.58 0.94 -29.17
N ASN A 57 7.12 0.64 -27.97
CA ASN A 57 7.35 1.50 -26.81
C ASN A 57 8.63 1.15 -26.05
N THR A 58 9.65 1.98 -26.16
CA THR A 58 10.90 1.70 -25.46
C THR A 58 11.05 2.43 -24.12
N HIS A 59 9.95 2.95 -23.58
CA HIS A 59 10.02 3.64 -22.29
C HIS A 59 10.47 2.65 -21.23
N GLY A 60 11.46 3.04 -20.43
CA GLY A 60 11.97 2.17 -19.39
C GLY A 60 11.12 2.17 -18.13
N VAL A 61 11.53 1.38 -17.15
CA VAL A 61 10.81 1.27 -15.88
C VAL A 61 11.76 1.45 -14.70
N ALA A 62 13.01 1.82 -14.99
CA ALA A 62 14.03 1.96 -13.96
C ALA A 62 13.77 2.90 -12.79
N GLU A 63 13.32 4.12 -13.05
CA GLU A 63 13.13 5.07 -11.96
C GLU A 63 12.05 4.77 -10.93
N THR A 64 11.24 3.74 -11.18
CA THR A 64 10.23 3.35 -10.21
C THR A 64 10.60 2.06 -9.48
N SER A 65 11.81 1.55 -9.73
CA SER A 65 12.24 0.33 -9.04
C SER A 65 12.45 0.73 -7.58
N LEU A 66 12.43 -0.24 -6.67
CA LEU A 66 12.63 0.08 -5.26
C LEU A 66 13.98 0.76 -5.06
N GLU A 67 15.00 0.30 -5.77
CA GLU A 67 16.32 0.89 -5.63
C GLU A 67 16.34 2.35 -6.07
N ALA A 68 15.66 2.65 -7.17
CA ALA A 68 15.62 4.01 -7.70
C ALA A 68 14.75 4.95 -6.85
N PHE A 69 13.70 4.40 -6.27
CA PHE A 69 12.78 5.18 -5.43
C PHE A 69 13.39 5.50 -4.07
N TYR A 70 14.01 4.50 -3.44
CA TYR A 70 14.59 4.67 -2.11
C TYR A 70 16.06 5.05 -2.07
N GLY A 71 16.78 4.72 -3.15
CA GLY A 71 18.21 4.96 -3.22
C GLY A 71 18.81 6.36 -3.21
N ARG A 72 18.33 7.21 -2.32
CA ARG A 72 18.89 8.56 -2.20
C ARG A 72 18.74 9.01 -0.76
N ALA A 73 19.64 9.90 -0.33
CA ALA A 73 19.65 10.38 1.05
C ALA A 73 18.48 11.28 1.45
N GLY A 74 18.05 11.13 2.70
CA GLY A 74 16.97 11.93 3.25
C GLY A 74 17.30 12.22 4.71
N LEU A 75 16.89 13.38 5.21
CA LEU A 75 17.18 13.76 6.59
C LEU A 75 16.45 12.85 7.59
N VAL A 76 17.17 12.38 8.62
CA VAL A 76 16.56 11.54 9.65
C VAL A 76 16.82 12.08 11.05
N ALA A 77 17.81 12.96 11.20
CA ALA A 77 18.10 13.55 12.51
C ALA A 77 18.71 14.94 12.36
N MET A 78 18.39 15.81 13.30
CA MET A 78 18.91 17.17 13.30
C MET A 78 18.86 17.67 14.73
N PHE A 79 20.01 18.08 15.26
CA PHE A 79 20.08 18.52 16.63
C PHE A 79 21.34 19.34 16.92
N SER A 80 21.40 19.90 18.12
CA SER A 80 22.54 20.68 18.57
C SER A 80 23.00 20.10 19.91
N THR A 81 24.31 20.07 20.12
CA THR A 81 24.81 19.55 21.38
C THR A 81 24.44 20.49 22.52
N ASP A 82 24.45 19.94 23.73
CA ASP A 82 24.15 20.69 24.95
C ASP A 82 25.19 20.18 25.94
N GLY A 83 26.06 21.06 26.40
CA GLY A 83 27.11 20.62 27.32
C GLY A 83 28.13 19.83 26.51
N GLY A 84 28.14 20.06 25.20
CA GLY A 84 29.07 19.38 24.33
C GLY A 84 28.69 17.96 23.95
N ILE A 85 27.45 17.58 24.23
CA ILE A 85 27.00 16.22 23.92
C ILE A 85 25.52 16.14 23.54
N TYR A 86 25.15 15.11 22.77
CA TYR A 86 23.77 14.89 22.38
C TYR A 86 23.54 13.41 22.13
N ARG A 87 22.45 12.88 22.67
CA ARG A 87 22.10 11.48 22.51
C ARG A 87 20.89 11.34 21.60
N TRP A 88 21.09 10.73 20.43
CA TRP A 88 19.98 10.55 19.49
C TRP A 88 19.61 9.08 19.34
N TYR A 89 18.37 8.74 19.71
CA TYR A 89 17.90 7.37 19.58
C TYR A 89 17.58 7.15 18.10
N ILE A 90 18.22 6.14 17.52
CA ILE A 90 18.04 5.86 16.10
C ILE A 90 16.62 5.40 15.76
N ASN A 91 15.92 6.26 15.05
CA ASN A 91 14.54 6.01 14.62
C ASN A 91 14.25 6.98 13.49
N PHE A 92 13.41 6.58 12.55
CA PHE A 92 13.10 7.45 11.41
C PHE A 92 11.69 8.05 11.43
N GLY A 93 11.18 8.36 12.62
CA GLY A 93 9.84 8.92 12.71
C GLY A 93 9.81 10.43 12.94
N GLU A 94 10.99 11.01 13.21
CA GLU A 94 11.09 12.44 13.48
C GLU A 94 10.80 13.35 12.28
N TYR A 95 11.36 12.99 11.13
CA TYR A 95 11.19 13.77 9.92
C TYR A 95 10.34 12.97 8.93
N VAL A 96 9.18 13.55 8.62
CA VAL A 96 8.17 12.91 7.78
C VAL A 96 8.42 12.46 6.35
N GLN A 97 9.29 13.13 5.61
CA GLN A 97 9.49 12.73 4.23
C GLN A 97 9.98 11.29 4.05
N LEU A 98 11.12 10.95 4.65
CA LEU A 98 11.62 9.58 4.51
C LEU A 98 10.68 8.60 5.18
N ARG A 99 10.08 9.01 6.29
CA ARG A 99 9.15 8.17 7.03
C ARG A 99 8.00 7.70 6.14
N ALA A 100 7.36 8.64 5.45
CA ALA A 100 6.23 8.30 4.58
C ALA A 100 6.66 7.35 3.45
N LYS A 101 7.88 7.50 2.96
CA LYS A 101 8.38 6.63 1.89
C LYS A 101 8.48 5.20 2.39
N LEU A 102 9.13 5.02 3.54
CA LEU A 102 9.31 3.69 4.10
C LEU A 102 8.00 2.98 4.41
N GLU A 103 7.00 3.73 4.84
CA GLU A 103 5.70 3.13 5.16
C GLU A 103 4.91 2.65 3.95
N LEU A 104 5.48 2.81 2.76
CA LEU A 104 4.84 2.34 1.54
C LEU A 104 5.04 0.83 1.40
N LEU A 105 5.90 0.28 2.25
CA LEU A 105 6.18 -1.16 2.26
C LEU A 105 5.92 -1.71 3.65
N THR A 106 5.48 -2.97 3.73
CA THR A 106 5.24 -3.57 5.04
C THR A 106 6.56 -4.09 5.59
N TYR A 107 7.31 -4.83 4.76
CA TYR A 107 8.60 -5.38 5.17
C TYR A 107 9.67 -5.00 4.15
N ALA A 108 10.89 -4.80 4.62
CA ALA A 108 11.98 -4.46 3.72
C ALA A 108 13.34 -4.72 4.33
N ARG A 109 14.26 -5.18 3.49
CA ARG A 109 15.63 -5.41 3.88
C ARG A 109 16.42 -4.40 3.08
N PHE A 110 17.42 -3.81 3.71
CA PHE A 110 18.29 -2.87 3.01
C PHE A 110 19.46 -2.47 3.87
N ASP A 111 20.54 -2.09 3.21
CA ASP A 111 21.72 -1.61 3.90
C ASP A 111 21.46 -0.11 3.90
N MET A 112 22.29 0.65 4.61
CA MET A 112 22.10 2.08 4.63
C MET A 112 23.41 2.83 4.62
N GLU A 113 23.38 3.98 3.99
CA GLU A 113 24.55 4.84 3.93
C GLU A 113 24.16 6.04 4.77
N PHE A 114 24.91 6.30 5.85
CA PHE A 114 24.63 7.45 6.70
C PHE A 114 25.64 8.55 6.39
N THR A 115 25.14 9.76 6.21
CA THR A 115 25.99 10.91 5.92
C THR A 115 25.74 11.94 7.01
N ILE A 116 26.83 12.46 7.58
CA ILE A 116 26.73 13.43 8.67
C ILE A 116 27.30 14.79 8.30
N VAL A 117 26.47 15.83 8.41
CA VAL A 117 26.86 17.19 8.10
C VAL A 117 26.80 17.98 9.40
N ALA A 118 27.93 18.54 9.80
CA ALA A 118 27.98 19.30 11.05
C ALA A 118 28.73 20.62 10.95
N GLN A 119 28.29 21.58 11.76
CA GLN A 119 28.94 22.89 11.79
C GLN A 119 28.70 23.53 13.15
N VAL A 120 29.52 24.52 13.49
CA VAL A 120 29.40 25.21 14.77
C VAL A 120 28.45 26.41 14.68
N VAL A 121 27.61 26.59 15.71
CA VAL A 121 26.69 27.72 15.76
C VAL A 121 26.81 28.34 17.16
N ASN A 122 26.51 29.64 17.27
CA ASN A 122 26.60 30.28 18.58
C ASN A 122 25.26 30.21 19.31
N ALA A 123 25.18 30.87 20.47
CA ALA A 123 23.97 30.87 21.27
C ALA A 123 22.74 31.43 20.55
N GLN A 124 22.95 32.31 19.58
CA GLN A 124 21.85 32.89 18.83
C GLN A 124 21.59 32.10 17.55
N SER A 125 22.18 30.91 17.48
CA SER A 125 22.02 30.04 16.32
C SER A 125 22.59 30.61 15.02
N LYS A 126 23.66 31.38 15.13
CA LYS A 126 24.30 31.93 13.94
C LYS A 126 25.48 31.02 13.65
N VAL A 127 25.60 30.58 12.39
CA VAL A 127 26.68 29.68 12.01
C VAL A 127 28.04 30.36 12.12
N GLN A 128 29.04 29.58 12.51
CA GLN A 128 30.40 30.08 12.69
C GLN A 128 31.35 29.38 11.72
N ASP A 129 32.41 30.07 11.31
CA ASP A 129 33.41 29.46 10.46
C ASP A 129 34.41 29.01 11.51
N PHE A 130 34.23 27.79 11.99
CA PHE A 130 35.09 27.26 13.04
C PHE A 130 35.26 25.76 12.86
N ASN A 131 36.49 25.34 12.62
CA ASN A 131 36.78 23.91 12.42
C ASN A 131 37.01 23.23 13.75
N VAL A 132 36.22 22.19 14.03
CA VAL A 132 36.35 21.47 15.28
C VAL A 132 36.17 19.97 15.05
N ASP A 133 36.91 19.16 15.80
CA ASP A 133 36.80 17.71 15.70
C ASP A 133 35.58 17.25 16.48
N TYR A 134 34.80 16.35 15.89
CA TYR A 134 33.62 15.82 16.55
C TYR A 134 33.63 14.31 16.47
N GLN A 135 32.95 13.65 17.39
CA GLN A 135 32.89 12.21 17.42
C GLN A 135 31.45 11.72 17.47
N VAL A 136 31.14 10.77 16.60
CA VAL A 136 29.81 10.18 16.56
C VAL A 136 30.00 8.71 16.93
N MET A 137 29.48 8.31 18.08
CA MET A 137 29.63 6.94 18.53
C MET A 137 28.32 6.18 18.51
N PHE A 138 28.34 5.00 17.91
CA PHE A 138 27.17 4.15 17.84
C PHE A 138 27.16 3.28 19.09
N VAL A 139 26.15 3.46 19.94
CA VAL A 139 26.03 2.70 21.18
C VAL A 139 24.87 1.71 21.06
N PRO A 140 25.18 0.41 20.87
CA PRO A 140 24.11 -0.60 20.75
C PRO A 140 23.37 -0.75 22.07
N PRO A 141 22.11 -1.21 22.03
CA PRO A 141 21.33 -1.39 23.27
C PRO A 141 22.07 -2.31 24.24
N GLY A 142 22.16 -1.90 25.50
CA GLY A 142 22.85 -2.70 26.49
C GLY A 142 24.22 -2.13 26.83
N ALA A 143 24.77 -1.33 25.93
CA ALA A 143 26.07 -0.71 26.17
C ALA A 143 25.84 0.59 26.94
N SER A 144 26.81 0.97 27.76
CA SER A 144 26.70 2.18 28.57
C SER A 144 26.78 3.46 27.73
N VAL A 145 25.82 4.35 27.95
CA VAL A 145 25.76 5.63 27.23
C VAL A 145 26.47 6.70 28.05
N PRO A 146 27.44 7.41 27.44
CA PRO A 146 28.16 8.45 28.18
C PRO A 146 27.25 9.57 28.67
N GLU A 147 27.48 10.01 29.90
CA GLU A 147 26.68 11.07 30.50
C GLU A 147 27.28 12.44 30.18
N ASN A 148 28.60 12.48 29.99
CA ASN A 148 29.29 13.73 29.71
C ASN A 148 30.18 13.68 28.48
N GLN A 149 30.63 14.86 28.08
CA GLN A 149 31.51 15.04 26.93
C GLN A 149 32.86 14.35 27.11
N ASP A 150 33.24 14.10 28.36
CA ASP A 150 34.53 13.46 28.62
C ASP A 150 34.47 12.13 29.39
N SER A 151 33.33 11.45 29.35
CA SER A 151 33.16 10.18 30.04
C SER A 151 34.03 9.10 29.37
N TYR A 152 34.33 8.04 30.12
CA TYR A 152 35.16 6.95 29.62
C TYR A 152 34.64 6.21 28.39
N GLN A 153 33.32 6.17 28.20
CA GLN A 153 32.76 5.45 27.06
C GLN A 153 33.27 5.94 25.72
N TRP A 154 33.73 7.18 25.68
CA TRP A 154 34.24 7.75 24.42
C TRP A 154 35.52 7.07 23.96
N GLN A 155 36.11 6.24 24.82
CA GLN A 155 37.32 5.49 24.45
C GLN A 155 36.93 4.63 23.24
N SER A 156 35.65 4.24 23.21
CA SER A 156 35.06 3.47 22.12
C SER A 156 35.89 2.30 21.61
N SER A 157 36.39 1.46 22.51
CA SER A 157 37.22 0.32 22.10
C SER A 157 36.45 -0.77 21.37
N CYS A 158 35.13 -0.81 21.57
CA CYS A 158 34.29 -1.80 20.89
C CYS A 158 33.19 -1.12 20.08
N ASN A 159 32.56 -0.11 20.67
CA ASN A 159 31.50 0.63 19.95
C ASN A 159 32.15 1.27 18.73
N PRO A 160 31.46 1.24 17.58
CA PRO A 160 32.08 1.88 16.42
C PRO A 160 31.93 3.40 16.62
N SER A 161 32.94 4.16 16.21
CA SER A 161 32.88 5.61 16.30
C SER A 161 33.47 6.19 15.02
N VAL A 162 33.02 7.38 14.65
CA VAL A 162 33.59 8.05 13.50
C VAL A 162 33.96 9.44 14.00
N ILE A 163 35.22 9.79 13.83
CA ILE A 163 35.72 11.09 14.24
C ILE A 163 36.06 11.88 12.99
N SER A 164 35.49 13.07 12.86
CA SER A 164 35.79 13.91 11.72
C SER A 164 35.88 15.36 12.18
N ASN A 165 35.85 16.28 11.23
CA ASN A 165 35.99 17.70 11.54
C ASN A 165 35.00 18.53 10.71
N THR A 166 34.47 19.59 11.30
CA THR A 166 33.53 20.45 10.58
C THR A 166 34.20 21.10 9.39
N GLY A 167 35.53 21.02 9.34
CA GLY A 167 36.29 21.59 8.25
C GLY A 167 36.52 20.58 7.13
N LEU A 168 36.14 19.33 7.36
CA LEU A 168 36.29 18.28 6.36
C LEU A 168 34.94 18.02 5.70
N PRO A 169 34.92 17.22 4.62
CA PRO A 169 33.64 16.93 3.98
C PRO A 169 32.76 16.16 4.96
N PRO A 170 31.46 16.06 4.68
CA PRO A 170 30.57 15.32 5.58
C PRO A 170 31.09 13.90 5.81
N ALA A 171 30.91 13.38 7.01
CA ALA A 171 31.35 12.02 7.31
C ALA A 171 30.33 11.08 6.68
N ARG A 172 30.75 9.85 6.36
CA ARG A 172 29.84 8.90 5.74
C ARG A 172 30.27 7.45 5.95
N VAL A 173 29.32 6.63 6.37
CA VAL A 173 29.60 5.21 6.60
C VAL A 173 28.39 4.37 6.21
N SER A 174 28.64 3.14 5.75
CA SER A 174 27.56 2.24 5.37
C SER A 174 27.29 1.29 6.53
N VAL A 175 26.05 0.84 6.65
CA VAL A 175 25.67 -0.11 7.69
C VAL A 175 24.89 -1.21 7.00
N PRO A 176 25.06 -2.45 7.45
CA PRO A 176 24.36 -3.59 6.85
C PRO A 176 22.92 -3.70 7.35
N PHE A 177 22.21 -4.74 6.90
CA PHE A 177 20.85 -4.98 7.36
C PHE A 177 21.05 -5.60 8.74
N MET A 178 20.84 -4.79 9.77
CA MET A 178 21.11 -5.21 11.15
C MET A 178 20.02 -5.83 12.02
N SER A 179 18.78 -5.84 11.56
CA SER A 179 17.72 -6.39 12.39
C SER A 179 17.88 -7.86 12.76
N SER A 180 17.34 -8.22 13.92
CA SER A 180 17.35 -9.59 14.39
C SER A 180 16.30 -10.35 13.57
N ALA A 181 15.38 -9.59 12.96
CA ALA A 181 14.33 -10.16 12.13
C ALA A 181 14.89 -10.40 10.73
N ASN A 182 14.09 -10.97 9.84
CA ASN A 182 14.56 -11.22 8.49
C ASN A 182 14.23 -10.07 7.53
N ALA A 183 13.66 -9.01 8.11
CA ALA A 183 13.33 -7.79 7.37
C ALA A 183 12.86 -6.76 8.38
N TYR A 184 13.01 -5.48 8.07
CA TYR A 184 12.53 -4.43 8.96
C TYR A 184 11.02 -4.40 8.72
N SER A 185 10.25 -3.95 9.71
CA SER A 185 8.80 -3.86 9.57
C SER A 185 8.37 -2.41 9.70
N PHE A 186 7.62 -1.92 8.72
CA PHE A 186 7.15 -0.54 8.78
C PHE A 186 5.69 -0.45 9.16
N SER A 187 5.15 -1.57 9.63
CA SER A 187 3.79 -1.67 10.13
C SER A 187 3.77 -2.92 11.00
N TYR A 188 3.38 -2.75 12.25
CA TYR A 188 3.35 -3.86 13.21
C TYR A 188 2.09 -3.82 14.08
N ASP A 189 1.18 -4.75 13.84
CA ASP A 189 -0.05 -4.83 14.61
C ASP A 189 0.16 -5.77 15.80
N GLY A 190 0.92 -5.29 16.78
CA GLY A 190 1.21 -6.09 17.95
C GLY A 190 1.80 -5.26 19.07
N TYR A 191 2.22 -5.93 20.14
CA TYR A 191 2.80 -5.23 21.29
C TYR A 191 4.29 -5.51 21.47
N THR A 192 4.95 -4.63 22.22
CA THR A 192 6.38 -4.75 22.45
C THR A 192 6.78 -5.81 23.46
N GLN A 193 5.83 -6.27 24.27
CA GLN A 193 6.17 -7.29 25.26
C GLN A 193 4.96 -8.09 25.74
N PHE A 194 5.25 -9.23 26.35
CA PHE A 194 4.22 -10.09 26.92
C PHE A 194 3.87 -9.50 28.27
N GLY A 195 2.63 -9.68 28.71
CA GLY A 195 2.22 -9.18 30.01
C GLY A 195 1.93 -7.70 30.13
N ASP A 196 1.85 -7.01 29.00
CA ASP A 196 1.54 -5.58 29.01
C ASP A 196 0.73 -5.21 27.79
N THR A 197 -0.43 -4.62 28.01
CA THR A 197 -1.30 -4.23 26.91
C THR A 197 -1.62 -2.73 26.92
N SER A 198 -0.69 -1.94 27.46
CA SER A 198 -0.88 -0.50 27.50
C SER A 198 -0.71 0.07 26.09
N GLY A 199 -1.51 1.08 25.77
CA GLY A 199 -1.44 1.68 24.44
C GLY A 199 -0.06 2.12 23.99
N SER A 200 0.76 2.61 24.93
CA SER A 200 2.09 3.07 24.58
C SER A 200 3.03 1.95 24.14
N SER A 201 2.60 0.70 24.34
CA SER A 201 3.41 -0.45 23.94
C SER A 201 2.89 -1.10 22.67
N TYR A 202 1.94 -0.43 22.01
CA TYR A 202 1.34 -0.95 20.79
C TYR A 202 1.86 -0.32 19.50
N GLY A 203 1.94 -1.14 18.44
CA GLY A 203 2.35 -0.66 17.13
C GLY A 203 3.82 -0.39 16.88
N ILE A 204 4.68 -0.85 17.78
CA ILE A 204 6.12 -0.65 17.66
C ILE A 204 6.84 -1.98 17.73
N VAL A 205 7.68 -2.29 16.75
CA VAL A 205 8.43 -3.54 16.78
C VAL A 205 9.84 -3.16 17.25
N PRO A 206 10.19 -3.54 18.49
CA PRO A 206 11.50 -3.26 19.09
C PRO A 206 12.74 -3.58 18.26
N SER A 207 12.66 -4.62 17.43
CA SER A 207 13.79 -5.02 16.61
C SER A 207 14.18 -3.96 15.58
N ASN A 208 13.31 -2.98 15.36
CA ASN A 208 13.60 -1.89 14.42
C ASN A 208 14.53 -0.86 15.05
N TYR A 209 14.71 -0.94 16.37
CA TYR A 209 15.57 0.01 17.09
C TYR A 209 16.92 -0.63 17.39
N LEU A 210 17.94 -0.17 16.68
CA LEU A 210 19.28 -0.73 16.83
C LEU A 210 20.21 -0.02 17.80
N GLY A 211 19.73 1.03 18.46
CA GLY A 211 20.56 1.72 19.41
C GLY A 211 20.51 3.24 19.29
N MET A 212 21.61 3.90 19.59
CA MET A 212 21.65 5.34 19.51
C MET A 212 22.99 5.86 19.04
N LEU A 213 22.98 7.11 18.57
CA LEU A 213 24.19 7.77 18.15
C LEU A 213 24.42 8.87 19.17
N VAL A 214 25.60 8.86 19.80
CA VAL A 214 25.92 9.90 20.77
C VAL A 214 26.99 10.76 20.11
N VAL A 215 26.81 12.07 20.15
CA VAL A 215 27.73 12.99 19.52
C VAL A 215 28.36 13.97 20.51
N ARG A 216 29.63 14.29 20.28
CA ARG A 216 30.34 15.25 21.13
C ARG A 216 31.43 15.91 20.30
N THR A 217 31.99 16.99 20.83
CA THR A 217 33.13 17.62 20.19
C THR A 217 34.23 17.01 21.05
N CYS A 218 35.36 16.66 20.44
CA CYS A 218 36.45 16.04 21.20
C CYS A 218 36.94 16.90 22.36
N GLU A 219 36.91 18.21 22.19
CA GLU A 219 37.30 19.14 23.25
C GLU A 219 36.19 20.18 23.40
N ASP A 220 36.17 20.90 24.51
CA ASP A 220 35.11 21.88 24.77
C ASP A 220 35.11 23.15 23.93
N LEU A 221 33.96 23.45 23.35
CA LEU A 221 33.79 24.68 22.56
C LEU A 221 33.57 25.78 23.60
N ASP A 222 33.97 27.00 23.27
CA ASP A 222 33.82 28.12 24.20
C ASP A 222 32.56 28.93 23.88
N GLY A 223 31.45 28.59 24.54
CA GLY A 223 30.21 29.32 24.33
C GLY A 223 29.41 28.94 23.10
N THR A 224 29.99 28.15 22.21
CA THR A 224 29.28 27.73 21.00
C THR A 224 28.84 26.27 21.10
N ARG A 225 28.08 25.81 20.10
CA ARG A 225 27.56 24.43 20.09
C ARG A 225 27.78 23.78 18.74
N LEU A 226 27.65 22.46 18.70
CA LEU A 226 27.78 21.73 17.45
C LEU A 226 26.41 21.39 16.90
N ARG A 227 26.13 21.82 15.68
CA ARG A 227 24.87 21.56 15.01
C ARG A 227 25.10 20.33 14.12
N VAL A 228 24.22 19.35 14.21
CA VAL A 228 24.38 18.12 13.43
C VAL A 228 23.14 17.67 12.66
N ARG A 229 23.35 17.25 11.42
CA ARG A 229 22.28 16.71 10.59
C ARG A 229 22.72 15.33 10.15
N VAL A 230 21.83 14.35 10.30
CA VAL A 230 22.15 12.99 9.90
C VAL A 230 21.21 12.59 8.76
N TYR A 231 21.79 12.13 7.66
CA TYR A 231 21.01 11.71 6.50
C TYR A 231 21.18 10.20 6.34
N ALA A 232 20.15 9.54 5.82
CA ALA A 232 20.21 8.10 5.61
C ALA A 232 19.76 7.77 4.19
N LYS A 233 20.48 6.84 3.56
CA LYS A 233 20.15 6.42 2.21
C LYS A 233 20.06 4.90 2.13
N PRO A 234 18.86 4.36 1.89
CA PRO A 234 18.71 2.91 1.79
C PRO A 234 19.46 2.40 0.55
N LYS A 235 20.04 1.20 0.65
CA LYS A 235 20.75 0.59 -0.48
C LYS A 235 20.43 -0.89 -0.54
N HIS A 236 20.42 -1.44 -1.75
CA HIS A 236 20.17 -2.88 -1.94
C HIS A 236 18.84 -3.27 -1.33
N VAL A 237 17.80 -2.52 -1.69
CA VAL A 237 16.46 -2.73 -1.17
C VAL A 237 15.70 -3.94 -1.71
N LYS A 238 15.11 -4.69 -0.78
CA LYS A 238 14.28 -5.84 -1.12
C LYS A 238 13.01 -5.54 -0.31
N GLY A 239 11.86 -5.53 -0.97
CA GLY A 239 10.63 -5.21 -0.27
C GLY A 239 9.46 -6.14 -0.49
N TRP A 240 8.55 -6.19 0.49
CA TRP A 240 7.38 -7.05 0.42
C TRP A 240 6.11 -6.36 0.90
N ILE A 241 5.00 -6.71 0.27
CA ILE A 241 3.68 -6.23 0.65
C ILE A 241 3.48 -4.71 0.66
N PRO A 242 3.19 -4.14 -0.51
CA PRO A 242 2.95 -2.70 -0.66
C PRO A 242 1.81 -2.27 0.25
N ARG A 243 1.87 -1.06 0.79
CA ARG A 243 0.84 -0.59 1.69
C ARG A 243 0.11 0.64 1.17
N SER A 244 -1.06 0.89 1.76
CA SER A 244 -1.89 2.04 1.44
C SER A 244 -1.09 3.23 1.98
N PRO A 245 -0.80 4.23 1.11
CA PRO A 245 -0.04 5.42 1.50
C PRO A 245 -0.64 6.28 2.62
N ARG A 246 0.22 6.93 3.39
CA ARG A 246 -0.23 7.81 4.46
C ARG A 246 -1.10 8.88 3.81
N MET A 247 -2.25 9.19 4.40
CA MET A 247 -3.15 10.17 3.82
C MET A 247 -3.59 11.23 4.84
N THR A 248 -2.90 11.27 5.97
CA THR A 248 -3.18 12.22 7.04
C THR A 248 -1.84 12.67 7.60
N PRO A 249 -1.78 13.89 8.15
CA PRO A 249 -0.52 14.38 8.71
C PRO A 249 -0.03 13.54 9.88
N TYR A 250 1.29 13.44 10.05
CA TYR A 250 1.85 12.70 11.16
C TYR A 250 1.76 13.65 12.36
N LYS A 251 1.65 13.09 13.56
CA LYS A 251 1.54 13.92 14.76
C LYS A 251 2.56 13.51 15.82
N SER A 252 2.90 12.24 15.85
CA SER A 252 3.85 11.73 16.83
C SER A 252 5.02 11.01 16.17
N ARG A 253 6.18 11.06 16.83
CA ARG A 253 7.39 10.41 16.31
C ARG A 253 7.35 8.89 16.40
N TYR A 254 6.73 8.37 17.45
CA TYR A 254 6.68 6.92 17.65
C TYR A 254 5.39 6.19 17.31
N THR A 255 4.31 6.93 17.05
CA THR A 255 3.04 6.29 16.69
C THR A 255 2.50 6.89 15.41
N GLY A 256 1.56 6.18 14.79
CA GLY A 256 0.95 6.66 13.56
C GLY A 256 -0.36 7.37 13.84
N VAL A 257 -0.54 7.82 15.08
CA VAL A 257 -1.77 8.51 15.46
C VAL A 257 -2.03 9.66 14.50
N TYR A 258 -3.31 9.96 14.26
CA TYR A 258 -3.69 11.01 13.34
C TYR A 258 -5.00 11.68 13.74
N THR A 259 -5.29 12.79 13.07
CA THR A 259 -6.51 13.54 13.30
C THR A 259 -7.51 13.10 12.22
N ASP A 260 -8.72 12.73 12.64
CA ASP A 260 -9.72 12.28 11.69
C ASP A 260 -10.08 13.39 10.71
N THR A 261 -10.54 13.00 9.52
CA THR A 261 -10.91 13.96 8.50
C THR A 261 -12.08 13.43 7.68
N THR A 262 -12.85 14.34 7.08
CA THR A 262 -14.00 13.97 6.29
C THR A 262 -13.68 14.05 4.79
N LYS A 263 -12.45 14.40 4.45
CA LYS A 263 -12.07 14.49 3.06
C LYS A 263 -10.55 14.50 2.90
N PHE A 264 -10.09 14.06 1.73
CA PHE A 264 -8.67 14.08 1.46
C PHE A 264 -8.42 15.24 0.49
N CYS A 265 -9.01 15.18 -0.69
CA CYS A 265 -8.84 16.26 -1.66
C CYS A 265 -9.84 17.38 -1.34
N ALA A 266 -9.56 18.58 -1.84
CA ALA A 266 -10.44 19.72 -1.61
C ALA A 266 -11.73 19.58 -2.42
N ASN A 267 -12.79 20.26 -1.98
CA ASN A 267 -14.07 20.20 -2.67
C ASN A 267 -14.15 21.09 -3.91
N ARG A 268 -15.10 20.75 -4.78
CA ARG A 268 -15.38 21.52 -5.98
C ARG A 268 -16.86 21.80 -5.94
N ALA A 269 -17.33 22.71 -6.78
CA ALA A 269 -18.74 23.08 -6.80
C ALA A 269 -19.69 21.91 -7.09
N ARG A 270 -19.40 21.14 -8.12
CA ARG A 270 -20.27 20.03 -8.47
C ARG A 270 -19.54 18.89 -9.18
N ILE A 271 -20.07 17.68 -9.02
CA ILE A 271 -19.47 16.49 -9.60
C ILE A 271 -19.49 16.49 -11.13
N THR A 272 -20.34 17.32 -11.72
CA THR A 272 -20.47 17.41 -13.17
C THR A 272 -19.60 18.46 -13.85
N THR A 273 -18.80 19.18 -13.06
CA THR A 273 -17.91 20.19 -13.61
C THR A 273 -16.47 19.86 -13.23
N ALA A 274 -15.68 19.46 -14.23
CA ALA A 274 -14.28 19.09 -14.03
C ALA A 274 -13.41 20.29 -13.72
N SER B 1 -18.08 -25.25 -19.56
CA SER B 1 -16.92 -25.46 -18.64
C SER B 1 -16.25 -24.13 -18.33
N ALA B 2 -16.10 -23.83 -17.04
CA ALA B 2 -15.48 -22.58 -16.60
C ALA B 2 -14.07 -22.40 -17.16
N GLU B 3 -13.28 -23.47 -17.12
CA GLU B 3 -11.91 -23.41 -17.63
C GLU B 3 -11.86 -23.20 -19.14
N ALA B 4 -12.70 -23.95 -19.87
CA ALA B 4 -12.73 -23.85 -21.32
C ALA B 4 -13.19 -22.48 -21.81
N CYS B 5 -14.26 -21.96 -21.21
CA CYS B 5 -14.79 -20.66 -21.61
C CYS B 5 -14.05 -19.47 -20.98
N GLY B 6 -13.17 -19.74 -20.02
CA GLY B 6 -12.40 -18.68 -19.39
C GLY B 6 -13.11 -17.78 -18.40
N TYR B 7 -14.05 -18.34 -17.63
CA TYR B 7 -14.77 -17.56 -16.64
C TYR B 7 -14.77 -18.28 -15.29
N SER B 8 -15.24 -17.60 -14.26
CA SER B 8 -15.30 -18.17 -12.92
C SER B 8 -16.74 -18.51 -12.53
N ASP B 9 -16.96 -19.76 -12.14
CA ASP B 9 -18.28 -20.21 -11.76
C ASP B 9 -18.70 -19.58 -10.43
N ARG B 10 -19.95 -19.14 -10.35
CA ARG B 10 -20.48 -18.48 -9.16
C ARG B 10 -20.74 -19.39 -7.96
N VAL B 11 -20.59 -20.70 -8.13
CA VAL B 11 -20.81 -21.62 -7.02
C VAL B 11 -19.45 -22.07 -6.48
N ALA B 12 -19.39 -22.39 -5.20
CA ALA B 12 -18.14 -22.83 -4.61
C ALA B 12 -18.35 -23.70 -3.38
N GLN B 13 -17.39 -24.57 -3.13
CA GLN B 13 -17.42 -25.43 -1.96
C GLN B 13 -16.04 -25.41 -1.34
N LEU B 14 -15.99 -25.15 -0.04
CA LEU B 14 -14.73 -25.11 0.69
C LEU B 14 -14.80 -26.20 1.75
N THR B 15 -13.96 -27.22 1.62
CA THR B 15 -13.95 -28.32 2.58
C THR B 15 -12.59 -28.46 3.27
N LEU B 16 -12.60 -28.31 4.59
CA LEU B 16 -11.40 -28.44 5.41
C LEU B 16 -11.77 -29.19 6.68
N GLY B 17 -11.04 -30.27 6.98
CA GLY B 17 -11.33 -31.04 8.16
C GLY B 17 -12.75 -31.59 8.12
N ASN B 18 -13.52 -31.37 9.19
CA ASN B 18 -14.89 -31.87 9.26
C ASN B 18 -15.89 -30.79 8.87
N SER B 19 -15.45 -29.77 8.15
CA SER B 19 -16.32 -28.68 7.77
C SER B 19 -16.38 -28.39 6.28
N THR B 20 -17.60 -28.12 5.79
CA THR B 20 -17.82 -27.80 4.38
C THR B 20 -18.67 -26.55 4.27
N ILE B 21 -18.17 -25.58 3.52
CA ILE B 21 -18.86 -24.32 3.31
C ILE B 21 -19.26 -24.20 1.83
N THR B 22 -20.50 -23.80 1.57
CA THR B 22 -20.92 -23.64 0.19
C THR B 22 -21.57 -22.28 -0.02
N THR B 23 -21.55 -21.82 -1.27
CA THR B 23 -22.18 -20.57 -1.65
C THR B 23 -22.58 -20.74 -3.11
N GLN B 24 -23.68 -20.09 -3.49
CA GLN B 24 -24.13 -20.18 -4.88
C GLN B 24 -24.00 -18.82 -5.55
N GLU B 25 -23.42 -17.87 -4.84
CA GLU B 25 -23.21 -16.53 -5.38
C GLU B 25 -21.86 -15.98 -4.95
N ALA B 26 -20.80 -16.59 -5.49
CA ALA B 26 -19.44 -16.17 -5.19
C ALA B 26 -18.96 -15.31 -6.35
N ALA B 27 -17.78 -14.71 -6.18
CA ALA B 27 -17.17 -13.88 -7.23
C ALA B 27 -15.71 -14.32 -7.30
N ASN B 28 -15.51 -15.58 -7.71
CA ASN B 28 -14.17 -16.17 -7.80
C ASN B 28 -13.63 -16.32 -6.38
N ILE B 29 -12.36 -16.69 -6.26
CA ILE B 29 -11.73 -16.84 -4.96
C ILE B 29 -10.37 -16.15 -5.01
N VAL B 30 -10.08 -15.32 -4.02
CA VAL B 30 -8.82 -14.62 -3.96
C VAL B 30 -7.80 -15.42 -3.18
N VAL B 31 -6.57 -15.46 -3.68
CA VAL B 31 -5.48 -16.13 -2.99
C VAL B 31 -4.45 -15.03 -2.81
N GLY B 32 -4.36 -14.55 -1.56
CA GLY B 32 -3.47 -13.46 -1.21
C GLY B 32 -2.07 -13.52 -1.79
N TYR B 33 -1.71 -12.48 -2.55
CA TYR B 33 -0.40 -12.38 -3.18
C TYR B 33 -0.09 -13.60 -4.04
N GLY B 34 -1.15 -14.25 -4.52
CA GLY B 34 -1.02 -15.42 -5.36
C GLY B 34 -0.32 -16.58 -4.68
N ARG B 35 -0.29 -16.57 -3.35
CA ARG B 35 0.39 -17.62 -2.61
C ARG B 35 -0.48 -18.41 -1.64
N TRP B 36 -0.50 -19.73 -1.82
CA TRP B 36 -1.23 -20.60 -0.92
C TRP B 36 -0.35 -20.79 0.32
N PRO B 37 -0.95 -21.15 1.46
CA PRO B 37 -0.17 -21.36 2.68
C PRO B 37 0.88 -22.45 2.48
N THR B 38 2.05 -22.29 3.09
CA THR B 38 3.12 -23.29 2.98
C THR B 38 3.80 -23.51 4.32
N SER B 39 4.38 -24.68 4.50
CA SER B 39 5.09 -25.03 5.72
C SER B 39 6.41 -24.26 5.79
N LEU B 40 6.94 -24.14 7.00
CA LEU B 40 8.21 -23.43 7.21
C LEU B 40 9.36 -24.28 6.67
N ARG B 41 10.16 -23.69 5.77
CA ARG B 41 11.30 -24.40 5.18
C ARG B 41 12.45 -24.56 6.17
N ASP B 42 13.21 -25.66 6.04
CA ASP B 42 14.34 -25.90 6.93
C ASP B 42 15.38 -24.79 6.83
N THR B 43 15.43 -24.13 5.68
CA THR B 43 16.39 -23.04 5.47
C THR B 43 15.90 -21.69 5.98
N ASP B 44 14.65 -21.61 6.41
CA ASP B 44 14.10 -20.35 6.94
C ASP B 44 13.88 -20.45 8.45
N ALA B 45 13.70 -21.68 8.93
CA ALA B 45 13.45 -21.93 10.35
C ALA B 45 14.60 -21.57 11.27
N THR B 46 14.28 -21.27 12.52
CA THR B 46 15.28 -20.96 13.52
C THR B 46 15.00 -21.74 14.81
N ALA B 47 13.73 -21.84 15.22
CA ALA B 47 13.39 -22.60 16.44
C ALA B 47 13.73 -24.06 16.14
N VAL B 48 14.55 -24.67 16.98
CA VAL B 48 15.02 -26.03 16.76
C VAL B 48 14.17 -27.22 17.20
N ASP B 49 13.14 -26.99 18.01
CA ASP B 49 12.31 -28.10 18.46
C ASP B 49 11.38 -28.61 17.35
N LYS B 50 11.07 -29.90 17.38
CA LYS B 50 10.19 -30.48 16.38
C LYS B 50 8.82 -29.83 16.60
N PRO B 51 8.24 -29.25 15.55
CA PRO B 51 6.93 -28.60 15.70
C PRO B 51 5.74 -29.52 15.82
N THR B 52 4.65 -28.96 16.32
CA THR B 52 3.41 -29.67 16.42
C THR B 52 2.62 -29.20 15.20
N GLN B 53 2.01 -30.15 14.50
CA GLN B 53 1.19 -29.85 13.33
C GLN B 53 -0.10 -30.60 13.64
N PRO B 54 -1.08 -29.91 14.23
CA PRO B 54 -2.38 -30.45 14.63
C PRO B 54 -3.29 -31.01 13.55
N GLY B 55 -3.07 -30.63 12.30
CA GLY B 55 -3.90 -31.15 11.23
C GLY B 55 -5.37 -30.73 11.31
N VAL B 56 -6.27 -31.64 10.98
CA VAL B 56 -7.70 -31.36 10.97
C VAL B 56 -8.32 -30.81 12.26
N SER B 57 -7.69 -31.09 13.40
CA SER B 57 -8.24 -30.61 14.67
C SER B 57 -8.28 -29.08 14.72
N ALA B 58 -7.37 -28.43 14.01
CA ALA B 58 -7.31 -26.97 14.00
C ALA B 58 -7.55 -26.36 12.62
N GLU B 59 -7.28 -27.14 11.57
CA GLU B 59 -7.45 -26.65 10.21
C GLU B 59 -8.84 -27.02 9.71
N ARG B 60 -9.80 -26.20 10.11
CA ARG B 60 -11.21 -26.37 9.82
C ARG B 60 -11.89 -25.01 9.97
N PHE B 61 -13.13 -24.90 9.53
CA PHE B 61 -13.86 -23.64 9.62
C PHE B 61 -14.54 -23.35 10.95
N TYR B 62 -14.27 -22.17 11.48
CA TYR B 62 -14.86 -21.71 12.74
C TYR B 62 -15.74 -20.51 12.41
N THR B 63 -17.02 -20.59 12.78
CA THR B 63 -17.94 -19.49 12.53
C THR B 63 -18.05 -18.59 13.76
N LEU B 64 -17.83 -17.29 13.56
CA LEU B 64 -17.90 -16.33 14.66
C LEU B 64 -19.31 -15.75 14.79
N PRO B 65 -19.59 -15.07 15.92
CA PRO B 65 -20.92 -14.48 16.11
C PRO B 65 -21.20 -13.48 14.98
N SER B 66 -22.42 -13.50 14.46
CA SER B 66 -22.79 -12.61 13.37
C SER B 66 -22.88 -11.14 13.82
N VAL B 67 -22.79 -10.24 12.85
CA VAL B 67 -22.87 -8.80 13.10
C VAL B 67 -23.99 -8.25 12.23
N GLN B 68 -24.78 -7.33 12.76
CA GLN B 68 -25.89 -6.76 11.99
C GLN B 68 -25.49 -5.58 11.12
N TRP B 69 -25.96 -5.57 9.88
CA TRP B 69 -25.68 -4.45 8.98
C TRP B 69 -26.74 -3.41 9.32
N THR B 70 -26.49 -2.65 10.38
CA THR B 70 -27.42 -1.61 10.83
C THR B 70 -27.40 -0.39 9.92
N ASN B 71 -28.38 0.49 10.13
CA ASN B 71 -28.48 1.70 9.32
C ASN B 71 -27.27 2.62 9.52
N SER B 72 -26.69 2.59 10.71
CA SER B 72 -25.53 3.44 11.01
C SER B 72 -24.21 2.67 10.94
N PHE B 73 -24.28 1.42 10.46
CA PHE B 73 -23.12 0.55 10.34
C PHE B 73 -21.94 1.23 9.63
N LYS B 74 -20.78 1.25 10.29
CA LYS B 74 -19.59 1.85 9.70
C LYS B 74 -18.61 0.77 9.23
N GLY B 75 -18.84 -0.46 9.68
CA GLY B 75 -17.97 -1.56 9.34
C GLY B 75 -17.59 -2.33 10.58
N HIS B 76 -16.91 -3.46 10.40
CA HIS B 76 -16.50 -4.30 11.53
C HIS B 76 -15.17 -4.96 11.17
N TYR B 77 -14.36 -5.28 12.17
CA TYR B 77 -13.09 -5.94 11.91
C TYR B 77 -12.74 -7.00 12.96
N TRP B 78 -11.92 -7.96 12.55
CA TRP B 78 -11.47 -9.04 13.41
C TRP B 78 -9.96 -9.21 13.20
N LYS B 79 -9.22 -9.38 14.29
CA LYS B 79 -7.78 -9.58 14.19
C LYS B 79 -7.51 -11.08 14.15
N LEU B 80 -6.46 -11.48 13.42
CA LEU B 80 -6.09 -12.89 13.31
C LEU B 80 -4.63 -13.01 13.74
N PRO B 81 -4.30 -14.02 14.56
CA PRO B 81 -5.16 -15.07 15.13
C PRO B 81 -6.04 -14.74 16.34
N ASP B 82 -5.99 -13.50 16.81
CA ASP B 82 -6.77 -13.09 17.98
C ASP B 82 -8.21 -13.60 18.04
N ALA B 83 -8.97 -13.41 16.97
CA ALA B 83 -10.37 -13.82 16.93
C ALA B 83 -10.64 -15.30 17.22
N LEU B 84 -9.69 -16.17 16.89
CA LEU B 84 -9.87 -17.59 17.13
C LEU B 84 -9.00 -18.14 18.27
N SER B 85 -8.38 -17.25 19.03
CA SER B 85 -7.50 -17.65 20.13
C SER B 85 -8.16 -18.48 21.23
N GLU B 86 -9.48 -18.46 21.29
CA GLU B 86 -10.18 -19.23 22.32
C GLU B 86 -11.23 -20.18 21.72
N LEU B 87 -11.02 -20.55 20.45
CA LEU B 87 -11.94 -21.45 19.77
C LEU B 87 -11.31 -22.78 19.37
N GLY B 88 -11.93 -23.86 19.82
CA GLY B 88 -11.47 -25.20 19.49
C GLY B 88 -10.02 -25.51 19.78
N LEU B 89 -9.49 -26.51 19.09
CA LEU B 89 -8.11 -26.91 19.28
C LEU B 89 -7.13 -25.94 18.64
N PHE B 90 -7.61 -25.09 17.73
CA PHE B 90 -6.70 -24.09 17.15
C PHE B 90 -6.32 -23.16 18.31
N GLY B 91 -7.34 -22.71 19.04
CA GLY B 91 -7.12 -21.83 20.17
C GLY B 91 -6.22 -22.46 21.20
N GLN B 92 -6.45 -23.73 21.51
CA GLN B 92 -5.63 -24.42 22.50
C GLN B 92 -4.17 -24.53 22.07
N ASN B 93 -3.95 -24.91 20.81
CA ASN B 93 -2.58 -25.01 20.32
C ASN B 93 -1.90 -23.63 20.35
N LEU B 94 -2.67 -22.59 20.05
CA LEU B 94 -2.14 -21.24 20.05
C LEU B 94 -1.71 -20.81 21.46
N GLN B 95 -2.52 -21.18 22.44
CA GLN B 95 -2.26 -20.84 23.84
C GLN B 95 -1.12 -21.62 24.48
N PHE B 96 -1.05 -22.92 24.18
CA PHE B 96 -0.02 -23.79 24.76
C PHE B 96 1.37 -23.63 24.14
N HIS B 97 1.47 -22.90 23.04
CA HIS B 97 2.77 -22.71 22.39
C HIS B 97 3.18 -21.25 22.34
N TYR B 98 4.48 -21.02 22.46
CA TYR B 98 5.05 -19.68 22.37
C TYR B 98 4.95 -19.25 20.90
N LEU B 99 5.32 -20.15 19.98
CA LEU B 99 5.33 -19.82 18.56
C LEU B 99 4.22 -20.47 17.72
N TYR B 100 3.72 -19.72 16.75
CA TYR B 100 2.67 -20.18 15.84
C TYR B 100 2.92 -19.61 14.44
N ARG B 101 2.53 -20.38 13.44
CA ARG B 101 2.66 -20.00 12.04
C ARG B 101 1.48 -20.64 11.32
N GLY B 102 0.84 -19.91 10.41
CA GLY B 102 -0.27 -20.48 9.68
C GLY B 102 -0.93 -19.54 8.69
N GLY B 103 -1.69 -20.13 7.78
CA GLY B 103 -2.41 -19.36 6.77
C GLY B 103 -3.89 -19.39 7.12
N TRP B 104 -4.73 -18.87 6.22
CA TRP B 104 -6.17 -18.84 6.48
C TRP B 104 -7.02 -18.98 5.22
N VAL B 105 -8.27 -19.36 5.44
CA VAL B 105 -9.26 -19.41 4.39
C VAL B 105 -10.42 -18.66 5.05
N ILE B 106 -10.78 -17.52 4.49
CA ILE B 106 -11.84 -16.69 5.03
C ILE B 106 -13.06 -16.67 4.13
N HIS B 107 -14.24 -16.84 4.72
CA HIS B 107 -15.47 -16.80 3.97
C HIS B 107 -16.44 -15.85 4.66
N VAL B 108 -16.70 -14.70 4.02
CA VAL B 108 -17.61 -13.70 4.56
C VAL B 108 -18.96 -13.87 3.89
N GLN B 109 -20.01 -13.90 4.71
CA GLN B 109 -21.37 -14.13 4.20
C GLN B 109 -22.36 -13.01 4.50
N CYS B 110 -23.11 -12.62 3.47
CA CYS B 110 -24.13 -11.60 3.62
C CYS B 110 -25.12 -11.66 2.46
N ASN B 111 -26.27 -12.26 2.71
CA ASN B 111 -27.31 -12.37 1.68
C ASN B 111 -28.44 -11.41 2.01
N ALA B 112 -29.11 -10.93 0.96
CA ALA B 112 -30.25 -10.03 1.09
C ALA B 112 -31.25 -10.53 0.06
N THR B 113 -31.66 -9.67 -0.87
CA THR B 113 -32.57 -10.09 -1.93
C THR B 113 -32.29 -9.24 -3.16
N LYS B 114 -32.94 -9.59 -4.27
CA LYS B 114 -32.77 -8.85 -5.51
C LYS B 114 -33.49 -7.50 -5.38
N PHE B 115 -34.08 -7.25 -4.22
CA PHE B 115 -34.80 -6.01 -3.94
C PHE B 115 -33.96 -5.11 -3.01
N HIS B 116 -32.76 -5.55 -2.67
CA HIS B 116 -31.85 -4.79 -1.81
C HIS B 116 -30.63 -4.35 -2.61
N GLN B 117 -29.98 -3.29 -2.14
CA GLN B 117 -28.75 -2.80 -2.76
C GLN B 117 -27.80 -2.41 -1.63
N GLY B 118 -26.50 -2.62 -1.85
CA GLY B 118 -25.52 -2.30 -0.84
C GLY B 118 -24.21 -2.94 -1.24
N THR B 119 -23.10 -2.38 -0.76
CA THR B 119 -21.80 -2.92 -1.15
C THR B 119 -20.81 -2.89 0.00
N LEU B 120 -20.27 -4.07 0.31
CA LEU B 120 -19.29 -4.21 1.37
C LEU B 120 -17.90 -4.52 0.82
N LEU B 121 -16.90 -3.84 1.36
CA LEU B 121 -15.53 -4.12 0.95
C LEU B 121 -15.09 -5.19 1.96
N VAL B 122 -14.56 -6.30 1.47
CA VAL B 122 -14.08 -7.36 2.34
C VAL B 122 -12.57 -7.42 2.10
N VAL B 123 -11.80 -6.92 3.05
CA VAL B 123 -10.35 -6.88 2.86
C VAL B 123 -9.55 -7.49 4.01
N ALA B 124 -8.48 -8.20 3.64
CA ALA B 124 -7.59 -8.84 4.60
C ALA B 124 -6.31 -8.01 4.56
N THR B 125 -6.05 -7.28 5.63
CA THR B 125 -4.89 -6.39 5.70
C THR B 125 -3.74 -6.88 6.58
N PRO B 126 -2.54 -6.99 6.02
CA PRO B 126 -1.40 -7.44 6.84
C PRO B 126 -1.00 -6.30 7.77
N GLU B 127 -0.66 -6.63 9.02
CA GLU B 127 -0.22 -5.62 9.99
C GLU B 127 -1.12 -4.39 10.04
N HIS B 128 -2.42 -4.60 10.19
CA HIS B 128 -3.36 -3.49 10.24
C HIS B 128 -3.44 -2.91 11.65
N LYS B 129 -2.93 -1.69 11.80
CA LYS B 129 -2.91 -1.02 13.10
C LYS B 129 -4.17 -0.17 13.36
N ILE B 130 -4.72 -0.30 14.56
CA ILE B 130 -5.87 0.50 14.96
C ILE B 130 -5.20 1.61 15.77
N GLN B 131 -4.78 2.66 15.08
CA GLN B 131 -4.05 3.76 15.70
C GLN B 131 -4.68 5.14 15.63
N SER B 132 -6.01 5.21 15.68
CA SER B 132 -6.69 6.50 15.63
C SER B 132 -6.66 7.20 17.00
N ALA B 133 -6.34 6.45 18.05
CA ALA B 133 -6.28 7.01 19.40
C ALA B 133 -4.83 7.19 19.86
N GLU B 134 -4.58 8.22 20.66
CA GLU B 134 -3.24 8.48 21.17
C GLU B 134 -2.70 7.25 21.88
N SER B 135 -3.58 6.57 22.61
CA SER B 135 -3.23 5.37 23.34
C SER B 135 -4.30 4.32 23.05
N PRO B 136 -4.10 3.52 21.99
CA PRO B 136 -5.07 2.47 21.59
C PRO B 136 -5.50 1.57 22.74
N ALA B 137 -6.81 1.31 22.81
CA ALA B 137 -7.35 0.45 23.86
C ALA B 137 -7.23 -1.01 23.44
N PHE B 138 -6.85 -1.86 24.38
CA PHE B 138 -6.70 -3.28 24.13
C PHE B 138 -8.00 -3.88 23.60
N ALA B 139 -9.13 -3.32 24.05
CA ALA B 139 -10.44 -3.81 23.61
C ALA B 139 -10.62 -3.62 22.10
N ARG B 140 -9.93 -2.65 21.52
CA ARG B 140 -10.04 -2.40 20.09
C ARG B 140 -8.90 -3.02 19.26
N THR B 141 -7.73 -3.19 19.84
CA THR B 141 -6.62 -3.80 19.10
C THR B 141 -6.79 -5.32 19.06
N ASN B 142 -7.43 -5.86 20.11
CA ASN B 142 -7.68 -7.30 20.22
C ASN B 142 -9.11 -7.52 20.70
N PRO B 143 -10.09 -7.29 19.83
CA PRO B 143 -11.52 -7.45 20.16
C PRO B 143 -12.02 -8.89 20.32
N GLY B 144 -11.16 -9.87 20.04
CA GLY B 144 -11.59 -11.25 20.19
C GLY B 144 -12.55 -11.73 19.11
N GLU B 145 -13.25 -12.82 19.40
CA GLU B 145 -14.19 -13.41 18.45
C GLU B 145 -15.37 -12.53 18.07
N GLN B 146 -15.74 -11.59 18.92
CA GLN B 146 -16.85 -10.68 18.64
C GLN B 146 -16.43 -9.62 17.62
N GLY B 147 -15.13 -9.38 17.52
CA GLY B 147 -14.65 -8.37 16.60
C GLY B 147 -15.00 -7.00 17.14
N ALA B 148 -14.65 -5.94 16.42
CA ALA B 148 -14.96 -4.58 16.87
C ALA B 148 -15.53 -3.75 15.74
N ALA B 149 -16.37 -2.79 16.10
CA ALA B 149 -16.98 -1.91 15.11
C ALA B 149 -15.99 -0.84 14.69
N TYR B 150 -16.06 -0.45 13.41
CA TYR B 150 -15.20 0.61 12.91
C TYR B 150 -15.72 1.92 13.48
N GLN B 151 -14.81 2.86 13.71
CA GLN B 151 -15.18 4.19 14.21
C GLN B 151 -14.70 5.18 13.16
N PHE B 152 -13.63 4.84 12.45
CA PHE B 152 -13.05 5.71 11.43
C PHE B 152 -12.80 4.97 10.13
N PRO B 153 -13.87 4.55 9.43
CA PRO B 153 -13.72 3.83 8.16
C PRO B 153 -13.02 4.58 7.03
N PHE B 154 -13.33 5.86 6.86
CA PHE B 154 -12.75 6.65 5.79
C PHE B 154 -11.22 6.68 5.86
N THR B 155 -10.68 6.69 7.08
CA THR B 155 -9.24 6.71 7.28
C THR B 155 -8.69 5.33 7.64
N PHE B 156 -9.52 4.31 7.45
CA PHE B 156 -9.14 2.92 7.69
C PHE B 156 -8.54 2.66 9.07
N GLU B 157 -8.92 3.49 10.05
CA GLU B 157 -8.43 3.37 11.42
C GLU B 157 -6.92 3.55 11.55
N ASP B 158 -6.22 3.78 10.43
CA ASP B 158 -4.77 3.92 10.50
C ASP B 158 -4.16 5.14 9.83
N GLY B 159 -5.00 6.09 9.41
CA GLY B 159 -4.47 7.29 8.78
C GLY B 159 -4.22 7.20 7.29
N THR B 160 -4.74 6.17 6.64
CA THR B 160 -4.58 6.01 5.20
C THR B 160 -5.96 6.14 4.55
N ALA B 161 -6.00 6.11 3.23
CA ALA B 161 -7.28 6.24 2.53
C ALA B 161 -8.00 4.90 2.38
N LEU B 162 -9.27 4.86 2.77
CA LEU B 162 -10.07 3.65 2.66
C LEU B 162 -10.03 3.12 1.23
N GLY B 163 -10.13 4.03 0.27
CA GLY B 163 -10.13 3.65 -1.13
C GLY B 163 -8.88 2.95 -1.63
N ASN B 164 -7.77 3.09 -0.89
CA ASN B 164 -6.52 2.44 -1.29
C ASN B 164 -6.30 1.10 -0.60
N ALA B 165 -7.26 0.68 0.22
CA ALA B 165 -7.15 -0.60 0.91
C ALA B 165 -7.19 -1.73 -0.12
N LEU B 166 -7.53 -1.39 -1.36
CA LEU B 166 -7.60 -2.39 -2.43
C LEU B 166 -6.22 -2.95 -2.79
N ILE B 167 -5.17 -2.32 -2.25
CA ILE B 167 -3.82 -2.81 -2.50
C ILE B 167 -3.59 -4.10 -1.71
N TYR B 168 -4.51 -4.38 -0.77
CA TYR B 168 -4.44 -5.60 0.04
C TYR B 168 -5.42 -6.62 -0.53
N PRO B 169 -5.20 -7.92 -0.27
CA PRO B 169 -6.11 -8.95 -0.78
C PRO B 169 -7.54 -8.61 -0.39
N HIS B 170 -8.45 -8.58 -1.36
CA HIS B 170 -9.83 -8.20 -1.07
C HIS B 170 -10.82 -8.66 -2.13
N GLN B 171 -12.09 -8.52 -1.80
CA GLN B 171 -13.19 -8.80 -2.70
C GLN B 171 -14.29 -7.84 -2.23
N TRP B 172 -15.40 -7.84 -2.93
CA TRP B 172 -16.52 -7.00 -2.54
C TRP B 172 -17.75 -7.88 -2.49
N VAL B 173 -18.68 -7.56 -1.61
CA VAL B 173 -19.95 -8.26 -1.57
C VAL B 173 -20.89 -7.16 -2.04
N ASN B 174 -21.23 -7.19 -3.32
CA ASN B 174 -22.14 -6.23 -3.94
C ASN B 174 -23.41 -7.04 -4.09
N LEU B 175 -24.39 -6.77 -3.23
CA LEU B 175 -25.63 -7.53 -3.20
C LEU B 175 -26.29 -7.93 -4.53
N ARG B 176 -26.23 -7.07 -5.53
CA ARG B 176 -26.84 -7.40 -6.82
C ARG B 176 -26.04 -8.50 -7.53
N THR B 177 -24.80 -8.68 -7.11
CA THR B 177 -23.89 -9.64 -7.74
C THR B 177 -23.58 -10.92 -6.97
N ASN B 178 -23.23 -10.76 -5.69
CA ASN B 178 -22.85 -11.91 -4.89
C ASN B 178 -23.26 -11.75 -3.43
N ASN B 179 -23.26 -12.86 -2.68
CA ASN B 179 -23.63 -12.82 -1.28
C ASN B 179 -22.50 -13.31 -0.39
N SER B 180 -21.31 -13.47 -0.96
CA SER B 180 -20.18 -13.95 -0.17
C SER B 180 -18.84 -13.60 -0.80
N ALA B 181 -17.80 -13.61 0.02
CA ALA B 181 -16.44 -13.33 -0.41
C ALA B 181 -15.57 -14.44 0.18
N THR B 182 -14.59 -14.90 -0.57
CA THR B 182 -13.71 -15.95 -0.10
C THR B 182 -12.26 -15.57 -0.37
N LEU B 183 -11.43 -15.64 0.67
CA LEU B 183 -10.03 -15.29 0.54
C LEU B 183 -9.12 -16.31 1.22
N VAL B 184 -8.11 -16.77 0.48
CA VAL B 184 -7.12 -17.70 1.00
C VAL B 184 -5.92 -16.81 1.31
N LEU B 185 -5.39 -16.92 2.53
CA LEU B 185 -4.26 -16.08 2.94
C LEU B 185 -3.05 -16.87 3.42
N PRO B 186 -1.85 -16.53 2.90
CA PRO B 186 -0.64 -17.22 3.33
C PRO B 186 -0.14 -16.52 4.60
N TYR B 187 0.77 -17.16 5.32
CA TYR B 187 1.33 -16.52 6.50
C TYR B 187 2.23 -15.39 6.01
N VAL B 188 2.13 -14.22 6.64
CA VAL B 188 2.96 -13.10 6.28
C VAL B 188 3.56 -12.50 7.54
N ASN B 189 4.87 -12.28 7.54
CA ASN B 189 5.57 -11.71 8.68
C ASN B 189 7.03 -11.52 8.26
N ALA B 190 7.78 -10.77 9.06
CA ALA B 190 9.20 -10.53 8.78
C ALA B 190 10.02 -11.59 9.54
N LEU B 191 9.31 -12.59 10.09
CA LEU B 191 9.90 -13.68 10.87
C LEU B 191 9.31 -15.01 10.42
N PRO B 192 10.02 -16.13 10.69
CA PRO B 192 9.55 -17.47 10.31
C PRO B 192 8.28 -17.86 11.08
N MET B 193 8.23 -17.49 12.35
CA MET B 193 7.09 -17.76 13.24
C MET B 193 7.01 -16.60 14.23
N ASP B 194 5.94 -16.54 15.00
CA ASP B 194 5.78 -15.47 15.98
C ASP B 194 4.76 -15.88 17.04
N SER B 195 4.57 -15.03 18.04
CA SER B 195 3.61 -15.31 19.10
C SER B 195 2.19 -14.98 18.69
N GLY B 196 1.30 -15.95 18.87
CA GLY B 196 -0.10 -15.75 18.53
C GLY B 196 -0.85 -14.93 19.56
N ILE B 197 -0.20 -14.58 20.67
CA ILE B 197 -0.86 -13.79 21.70
C ILE B 197 -0.25 -12.39 21.85
N ARG B 198 0.64 -12.01 20.95
CA ARG B 198 1.26 -10.69 21.04
C ARG B 198 1.27 -9.98 19.68
N HIS B 199 0.97 -10.73 18.62
CA HIS B 199 1.00 -10.16 17.29
C HIS B 199 -0.09 -10.72 16.37
N ASN B 200 -0.84 -9.82 15.73
CA ASN B 200 -1.87 -10.24 14.80
C ASN B 200 -1.37 -9.93 13.39
N ASN B 201 -1.11 -10.98 12.64
CA ASN B 201 -0.57 -10.86 11.29
C ASN B 201 -1.52 -10.25 10.27
N TRP B 202 -2.81 -10.58 10.39
CA TRP B 202 -3.82 -10.07 9.47
C TRP B 202 -5.02 -9.52 10.21
N THR B 203 -5.76 -8.63 9.55
CA THR B 203 -6.98 -8.08 10.09
C THR B 203 -8.02 -8.14 8.99
N LEU B 204 -9.14 -8.79 9.28
CA LEU B 204 -10.23 -8.91 8.32
C LEU B 204 -11.20 -7.77 8.58
N SER B 205 -11.47 -6.97 7.55
CA SER B 205 -12.42 -5.87 7.67
C SER B 205 -13.56 -6.04 6.68
N VAL B 206 -14.77 -5.70 7.12
CA VAL B 206 -15.95 -5.76 6.27
C VAL B 206 -16.51 -4.36 6.43
N ILE B 207 -16.39 -3.56 5.38
CA ILE B 207 -16.81 -2.17 5.43
C ILE B 207 -17.83 -1.75 4.38
N PRO B 208 -18.95 -1.17 4.83
CA PRO B 208 -19.98 -0.75 3.87
C PRO B 208 -19.54 0.55 3.19
N ILE B 209 -19.43 0.53 1.87
CA ILE B 209 -19.04 1.73 1.14
C ILE B 209 -20.27 2.28 0.42
N VAL B 210 -21.23 1.39 0.16
CA VAL B 210 -22.51 1.77 -0.44
C VAL B 210 -23.51 1.25 0.57
N PRO B 211 -24.22 2.16 1.26
CA PRO B 211 -25.21 1.80 2.28
C PRO B 211 -26.30 0.84 1.86
N LEU B 212 -26.77 0.05 2.82
CA LEU B 212 -27.83 -0.91 2.58
C LEU B 212 -29.17 -0.20 2.40
N GLU B 213 -29.80 -0.40 1.25
CA GLU B 213 -31.10 0.18 0.95
C GLU B 213 -31.94 -0.90 0.32
N TYR B 214 -33.25 -0.71 0.30
CA TYR B 214 -34.14 -1.72 -0.26
C TYR B 214 -35.54 -1.21 -0.55
N ALA B 215 -36.28 -1.98 -1.34
CA ALA B 215 -37.65 -1.63 -1.67
C ALA B 215 -38.39 -1.54 -0.33
N ALA B 216 -39.25 -0.54 -0.20
CA ALA B 216 -40.00 -0.34 1.04
C ALA B 216 -40.75 -1.59 1.49
N GLY B 217 -40.53 -1.99 2.74
CA GLY B 217 -41.21 -3.16 3.28
C GLY B 217 -40.41 -4.45 3.29
N ALA B 218 -39.25 -4.44 2.64
CA ALA B 218 -38.41 -5.64 2.59
C ALA B 218 -37.79 -5.91 3.96
N THR B 219 -37.27 -7.12 4.15
CA THR B 219 -36.62 -7.49 5.40
C THR B 219 -35.53 -6.46 5.69
N THR B 220 -35.53 -5.92 6.90
CA THR B 220 -34.56 -4.90 7.28
C THR B 220 -33.38 -5.46 8.07
N TYR B 221 -33.55 -6.65 8.62
CA TYR B 221 -32.53 -7.28 9.45
C TYR B 221 -31.60 -8.15 8.59
N VAL B 222 -30.44 -7.61 8.27
CA VAL B 222 -29.46 -8.30 7.42
C VAL B 222 -28.13 -8.53 8.12
N PRO B 223 -27.86 -9.76 8.55
CA PRO B 223 -26.59 -10.06 9.22
C PRO B 223 -25.41 -10.27 8.29
N ILE B 224 -24.22 -10.19 8.87
CA ILE B 224 -22.97 -10.42 8.16
C ILE B 224 -22.30 -11.48 9.02
N THR B 225 -21.88 -12.58 8.39
CA THR B 225 -21.25 -13.66 9.14
C THR B 225 -19.87 -13.98 8.60
N VAL B 226 -18.94 -14.24 9.51
CA VAL B 226 -17.57 -14.56 9.16
C VAL B 226 -17.22 -15.97 9.61
N THR B 227 -16.70 -16.76 8.68
CA THR B 227 -16.31 -18.14 8.94
C THR B 227 -14.85 -18.24 8.50
N ILE B 228 -13.99 -18.60 9.44
CA ILE B 228 -12.55 -18.65 9.18
C ILE B 228 -11.89 -19.98 9.54
N ALA B 229 -11.02 -20.44 8.66
CA ALA B 229 -10.32 -21.68 8.90
C ALA B 229 -8.81 -21.53 8.86
N PRO B 230 -8.12 -21.99 9.92
CA PRO B 230 -6.66 -21.89 9.93
C PRO B 230 -6.24 -22.90 8.86
N MET B 231 -5.09 -22.69 8.22
CA MET B 231 -4.63 -23.62 7.19
C MET B 231 -3.11 -23.73 7.23
N CYS B 232 -2.62 -24.97 7.14
CA CYS B 232 -1.19 -25.24 7.15
C CYS B 232 -0.52 -24.58 8.35
N THR B 233 -0.89 -25.03 9.54
CA THR B 233 -0.35 -24.46 10.77
C THR B 233 0.71 -25.32 11.43
N GLU B 234 1.57 -24.68 12.21
CA GLU B 234 2.59 -25.39 12.97
C GLU B 234 2.93 -24.55 14.19
N TYR B 235 3.31 -25.22 15.27
CA TYR B 235 3.60 -24.55 16.53
C TYR B 235 4.89 -25.06 17.17
N ASN B 236 5.59 -24.16 17.86
CA ASN B 236 6.84 -24.49 18.54
C ASN B 236 6.87 -23.84 19.93
N GLY B 237 7.76 -24.32 20.79
CA GLY B 237 7.89 -23.76 22.13
C GLY B 237 6.72 -24.11 23.05
N LEU B 238 6.50 -25.39 23.23
CA LEU B 238 5.42 -25.87 24.09
C LEU B 238 5.66 -25.58 25.57
N ARG B 239 4.57 -25.28 26.27
CA ARG B 239 4.60 -24.99 27.70
C ARG B 239 3.15 -24.98 28.18
N ALA B 240 2.88 -24.36 29.32
CA ALA B 240 1.52 -24.28 29.84
C ALA B 240 0.75 -23.27 28.98
N ALA B 241 -0.57 -23.26 29.10
CA ALA B 241 -1.39 -22.34 28.33
C ALA B 241 -1.20 -20.89 28.78
N VAL B 242 -1.05 -19.98 27.82
CA VAL B 242 -0.88 -18.57 28.13
C VAL B 242 -1.66 -17.73 27.12
N THR B 243 -2.49 -16.82 27.63
CA THR B 243 -3.27 -15.92 26.76
C THR B 243 -2.73 -14.51 26.98
N GLN B 244 -3.01 -13.59 26.06
CA GLN B 244 -2.52 -12.23 26.20
C GLN B 244 -3.11 -11.52 27.40
N GLY C 1 53.63 8.22 -4.48
CA GLY C 1 52.17 8.33 -4.73
C GLY C 1 51.85 8.58 -6.20
N ILE C 2 50.71 8.06 -6.64
CA ILE C 2 50.28 8.25 -8.03
C ILE C 2 49.83 9.69 -8.17
N PRO C 3 50.35 10.41 -9.17
CA PRO C 3 49.94 11.80 -9.34
C PRO C 3 48.45 11.88 -9.67
N THR C 4 47.73 12.77 -8.99
CA THR C 4 46.31 12.94 -9.22
C THR C 4 45.96 14.42 -9.23
N LEU C 5 44.79 14.74 -9.77
CA LEU C 5 44.32 16.12 -9.83
C LEU C 5 42.85 16.06 -9.44
N TYR C 6 42.50 16.58 -8.25
CA TYR C 6 41.11 16.53 -7.86
C TYR C 6 40.31 17.62 -8.57
N THR C 7 39.06 17.28 -8.87
CA THR C 7 38.17 18.13 -9.66
C THR C 7 36.96 18.76 -8.97
N PRO C 8 36.25 19.65 -9.70
CA PRO C 8 35.06 20.29 -9.14
C PRO C 8 34.10 19.18 -8.73
N GLY C 9 33.38 19.40 -7.64
CA GLY C 9 32.47 18.39 -7.13
C GLY C 9 33.09 17.71 -5.93
N SER C 10 34.42 17.77 -5.83
CA SER C 10 35.12 17.14 -4.71
C SER C 10 34.59 17.64 -3.38
N GLY C 11 34.32 16.69 -2.48
CA GLY C 11 33.81 17.02 -1.16
C GLY C 11 32.31 17.25 -1.06
N GLN C 12 31.65 17.41 -2.20
CA GLN C 12 30.22 17.66 -2.21
C GLN C 12 29.40 16.44 -1.79
N PHE C 13 28.20 16.71 -1.29
CA PHE C 13 27.28 15.66 -0.86
C PHE C 13 26.03 15.76 -1.72
N LEU C 14 26.01 15.00 -2.81
CA LEU C 14 24.86 14.94 -3.72
C LEU C 14 24.01 13.81 -3.14
N THR C 15 22.77 14.11 -2.75
CA THR C 15 21.91 13.10 -2.14
C THR C 15 21.64 11.89 -3.00
N THR C 16 21.74 12.05 -4.32
CA THR C 16 21.52 10.94 -5.23
C THR C 16 22.83 10.31 -5.68
N ASP C 17 23.95 10.64 -5.03
CA ASP C 17 25.22 10.05 -5.43
C ASP C 17 25.22 8.55 -5.19
N ASP C 18 26.18 7.85 -5.76
CA ASP C 18 26.22 6.40 -5.62
C ASP C 18 27.63 5.85 -5.59
N PHE C 19 28.29 6.00 -4.45
CA PHE C 19 29.66 5.54 -4.27
C PHE C 19 29.70 4.38 -3.28
N GLN C 20 30.87 3.72 -3.23
CA GLN C 20 31.09 2.63 -2.29
C GLN C 20 31.73 3.31 -1.08
N THR C 21 31.39 2.86 0.13
CA THR C 21 31.96 3.45 1.32
C THR C 21 32.24 2.41 2.39
N PRO C 22 33.18 2.71 3.30
CA PRO C 22 33.51 1.74 4.36
C PRO C 22 32.28 1.40 5.19
N CYS C 23 32.19 0.12 5.58
CA CYS C 23 31.07 -0.34 6.38
C CYS C 23 31.43 -0.25 7.86
N MET C 24 30.46 0.14 8.68
CA MET C 24 30.66 0.25 10.12
C MET C 24 30.97 -1.12 10.73
N LEU C 25 30.39 -2.16 10.14
CA LEU C 25 30.57 -3.53 10.62
C LEU C 25 30.99 -4.38 9.42
N PRO C 26 32.28 -4.29 9.04
CA PRO C 26 32.83 -5.04 7.90
C PRO C 26 32.66 -6.55 7.88
N LYS C 27 32.54 -7.18 9.04
CA LYS C 27 32.40 -8.63 9.07
C LYS C 27 31.00 -9.11 9.45
N PHE C 28 30.06 -8.17 9.56
CA PHE C 28 28.68 -8.49 9.91
C PHE C 28 28.02 -9.42 8.92
N GLN C 29 27.27 -10.40 9.43
CA GLN C 29 26.57 -11.37 8.61
C GLN C 29 25.08 -11.32 8.93
N PRO C 30 24.29 -10.74 8.02
CA PRO C 30 22.83 -10.59 8.19
C PRO C 30 22.03 -11.88 8.31
N THR C 31 20.82 -11.76 8.82
CA THR C 31 19.92 -12.90 8.95
C THR C 31 19.61 -13.36 7.53
N PRO C 32 19.23 -14.63 7.37
CA PRO C 32 18.92 -15.10 6.02
C PRO C 32 17.64 -14.50 5.46
N VAL C 33 17.55 -14.45 4.14
CA VAL C 33 16.36 -13.94 3.48
C VAL C 33 15.39 -15.13 3.53
N ILE C 34 14.21 -14.93 4.10
CA ILE C 34 13.26 -16.03 4.17
C ILE C 34 12.17 -15.82 3.15
N ASP C 35 11.36 -16.85 2.96
CA ASP C 35 10.26 -16.79 2.01
C ASP C 35 9.11 -15.99 2.60
N ILE C 36 8.85 -14.82 2.01
CA ILE C 36 7.75 -13.95 2.45
C ILE C 36 6.93 -13.65 1.20
N PRO C 37 5.60 -13.85 1.28
CA PRO C 37 4.75 -13.58 0.11
C PRO C 37 4.69 -12.08 -0.20
N GLY C 38 4.29 -11.76 -1.43
CA GLY C 38 4.14 -10.37 -1.83
C GLY C 38 5.35 -9.51 -2.14
N GLU C 39 6.44 -10.11 -2.61
CA GLU C 39 7.60 -9.28 -2.94
C GLU C 39 7.27 -8.34 -4.09
N VAL C 40 7.72 -7.10 -3.97
CA VAL C 40 7.51 -6.10 -5.01
C VAL C 40 8.90 -5.60 -5.40
N LYS C 41 9.14 -5.46 -6.70
CA LYS C 41 10.44 -4.98 -7.17
C LYS C 41 10.38 -3.60 -7.80
N ASN C 42 9.19 -3.20 -8.23
CA ASN C 42 9.03 -1.92 -8.89
C ASN C 42 7.63 -1.38 -8.56
N PHE C 43 7.54 -0.08 -8.26
CA PHE C 43 6.24 0.48 -7.91
C PHE C 43 5.23 0.53 -9.05
N LEU C 44 5.65 0.17 -10.26
CA LEU C 44 4.70 0.13 -11.36
C LEU C 44 3.74 -1.03 -11.06
N GLU C 45 4.19 -1.97 -10.23
CA GLU C 45 3.37 -3.11 -9.85
C GLU C 45 2.22 -2.64 -8.96
N VAL C 46 2.45 -1.55 -8.24
CA VAL C 46 1.44 -0.99 -7.35
C VAL C 46 0.44 -0.08 -8.06
N VAL C 47 0.92 0.82 -8.92
CA VAL C 47 0.02 1.73 -9.61
C VAL C 47 -0.91 1.04 -10.60
N GLN C 48 -0.58 -0.20 -10.97
CA GLN C 48 -1.43 -0.96 -11.89
C GLN C 48 -2.60 -1.60 -11.14
N VAL C 49 -2.61 -1.44 -9.82
CA VAL C 49 -3.69 -1.97 -8.98
C VAL C 49 -4.76 -0.89 -8.86
N GLU C 50 -6.02 -1.26 -9.13
CA GLU C 50 -7.12 -0.31 -9.04
C GLU C 50 -7.41 0.13 -7.61
N SER C 51 -7.71 1.42 -7.44
CA SER C 51 -8.08 1.99 -6.14
C SER C 51 -9.20 2.98 -6.41
N LEU C 52 -9.98 3.32 -5.37
CA LEU C 52 -11.11 4.23 -5.53
C LEU C 52 -10.80 5.70 -5.71
N VAL C 53 -11.50 6.32 -6.65
CA VAL C 53 -11.35 7.74 -6.92
C VAL C 53 -12.32 8.48 -5.99
N GLU C 54 -11.85 9.54 -5.33
CA GLU C 54 -12.67 10.34 -4.41
C GLU C 54 -13.43 11.32 -5.31
N ILE C 55 -14.24 10.73 -6.18
CA ILE C 55 -14.99 11.44 -7.20
C ILE C 55 -16.08 12.44 -6.78
N ASN C 56 -16.83 12.14 -5.73
CA ASN C 56 -17.88 13.06 -5.31
C ASN C 56 -17.33 14.01 -4.23
N ASN C 57 -16.33 14.79 -4.63
CA ASN C 57 -15.68 15.73 -3.72
C ASN C 57 -16.42 17.06 -3.67
N VAL C 58 -17.61 17.02 -3.08
CA VAL C 58 -18.44 18.21 -2.93
C VAL C 58 -18.75 18.44 -1.46
N GLU C 59 -19.17 19.65 -1.13
CA GLU C 59 -19.48 20.04 0.24
C GLU C 59 -20.43 19.10 0.99
N SER C 60 -21.48 18.64 0.31
CA SER C 60 -22.46 17.77 0.94
C SER C 60 -22.01 16.32 1.16
N ALA C 61 -20.85 15.94 0.62
CA ALA C 61 -20.35 14.59 0.78
C ALA C 61 -19.19 14.51 1.75
N GLU C 62 -19.34 13.70 2.79
CA GLU C 62 -18.29 13.54 3.78
C GLU C 62 -17.83 12.09 3.91
N GLY C 63 -16.53 11.92 4.07
CA GLY C 63 -15.97 10.60 4.22
C GLY C 63 -16.29 9.61 3.12
N VAL C 64 -16.70 8.42 3.52
CA VAL C 64 -17.02 7.33 2.60
C VAL C 64 -17.96 7.71 1.46
N ALA C 65 -18.89 8.62 1.72
CA ALA C 65 -19.85 9.05 0.70
C ALA C 65 -19.16 9.69 -0.51
N ARG C 66 -17.94 10.19 -0.33
CA ARG C 66 -17.22 10.84 -1.42
C ARG C 66 -16.78 9.88 -2.53
N TYR C 67 -16.85 8.58 -2.27
CA TYR C 67 -16.47 7.60 -3.28
C TYR C 67 -17.64 7.23 -4.19
N ARG C 68 -18.84 7.62 -3.81
CA ARG C 68 -20.03 7.28 -4.57
C ARG C 68 -20.52 8.29 -5.60
N ILE C 69 -20.64 7.84 -6.85
CA ILE C 69 -21.16 8.69 -7.91
C ILE C 69 -22.67 8.50 -7.81
N PRO C 70 -23.42 9.59 -7.54
CA PRO C 70 -24.88 9.48 -7.43
C PRO C 70 -25.57 9.24 -8.76
N LEU C 71 -26.52 8.31 -8.76
CA LEU C 71 -27.30 8.01 -9.96
C LEU C 71 -28.76 8.02 -9.50
N ASN C 72 -29.66 8.46 -10.36
CA ASN C 72 -31.08 8.48 -9.97
C ASN C 72 -32.00 8.42 -11.18
N VAL C 73 -33.22 7.93 -10.96
CA VAL C 73 -34.20 7.82 -12.02
C VAL C 73 -34.46 9.21 -12.59
N GLN C 74 -34.23 9.35 -13.90
CA GLN C 74 -34.41 10.64 -14.59
C GLN C 74 -35.82 10.85 -15.11
N ASP C 75 -36.15 12.11 -15.40
CA ASP C 75 -37.43 12.47 -15.97
C ASP C 75 -37.14 13.35 -17.19
N ALA C 76 -35.91 13.25 -17.67
CA ALA C 76 -35.41 13.97 -18.84
C ALA C 76 -34.34 13.08 -19.45
N MET C 77 -34.01 13.29 -20.73
CA MET C 77 -33.02 12.45 -21.39
C MET C 77 -31.65 13.08 -21.63
N ASP C 78 -30.67 12.22 -21.90
CA ASP C 78 -29.30 12.61 -22.21
C ASP C 78 -28.54 13.40 -21.14
N GLY C 79 -29.01 13.35 -19.89
CA GLY C 79 -28.37 14.10 -18.81
C GLY C 79 -26.98 13.66 -18.38
N GLN C 80 -26.23 14.58 -17.77
CA GLN C 80 -24.87 14.30 -17.31
C GLN C 80 -24.86 13.69 -15.91
N ILE C 81 -23.87 12.84 -15.65
CA ILE C 81 -23.72 12.19 -14.35
C ILE C 81 -22.47 12.67 -13.61
N MET C 82 -21.35 12.78 -14.33
CA MET C 82 -20.11 13.25 -13.71
C MET C 82 -19.08 13.74 -14.74
N ALA C 83 -18.02 14.37 -14.24
CA ALA C 83 -16.95 14.88 -15.08
C ALA C 83 -15.68 14.92 -14.24
N LEU C 84 -14.52 14.79 -14.90
CA LEU C 84 -13.24 14.82 -14.19
C LEU C 84 -12.09 14.96 -15.18
N ARG C 85 -11.05 15.69 -14.80
CA ARG C 85 -9.87 15.79 -15.65
C ARG C 85 -9.19 14.44 -15.43
N VAL C 86 -8.63 13.85 -16.49
CA VAL C 86 -8.00 12.54 -16.33
C VAL C 86 -6.58 12.57 -15.74
N ASP C 87 -5.97 13.74 -15.69
CA ASP C 87 -4.61 13.87 -15.17
C ASP C 87 -4.48 13.24 -13.79
N PRO C 88 -3.65 12.19 -13.67
CA PRO C 88 -3.43 11.46 -12.42
C PRO C 88 -2.64 12.14 -11.30
N GLY C 89 -1.88 13.18 -11.63
CA GLY C 89 -1.09 13.83 -10.60
C GLY C 89 -1.55 15.18 -10.07
N ILE C 90 -2.65 15.71 -10.59
CA ILE C 90 -3.13 17.01 -10.11
C ILE C 90 -4.05 16.92 -8.91
N ASP C 91 -4.20 18.03 -8.19
CA ASP C 91 -5.07 18.08 -7.03
C ASP C 91 -6.48 17.74 -7.47
N GLY C 92 -7.19 16.99 -6.64
CA GLY C 92 -8.54 16.61 -6.98
C GLY C 92 -8.81 15.16 -6.60
N PRO C 93 -9.92 14.58 -7.10
CA PRO C 93 -10.33 13.20 -6.84
C PRO C 93 -9.26 12.12 -7.00
N MET C 94 -8.30 12.36 -7.89
CA MET C 94 -7.23 11.40 -8.15
C MET C 94 -6.07 11.44 -7.16
N GLN C 95 -5.88 12.56 -6.46
CA GLN C 95 -4.74 12.69 -5.57
C GLN C 95 -4.60 11.71 -4.42
N SER C 96 -5.72 11.15 -3.95
CA SER C 96 -5.65 10.20 -2.84
C SER C 96 -5.66 8.73 -3.29
N THR C 97 -5.61 8.48 -4.59
CA THR C 97 -5.59 7.11 -5.11
C THR C 97 -4.15 6.58 -5.11
N LEU C 98 -3.99 5.27 -5.27
CA LEU C 98 -2.67 4.67 -5.32
C LEU C 98 -1.91 5.29 -6.50
N LEU C 99 -2.57 5.31 -7.65
CA LEU C 99 -2.00 5.88 -8.85
C LEU C 99 -1.59 7.33 -8.61
N GLY C 100 -2.49 8.10 -8.02
CA GLY C 100 -2.23 9.50 -7.75
C GLY C 100 -1.08 9.76 -6.80
N VAL C 101 -1.01 9.00 -5.71
CA VAL C 101 0.07 9.17 -4.75
C VAL C 101 1.44 8.97 -5.39
N PHE C 102 1.60 7.87 -6.11
CA PHE C 102 2.88 7.61 -6.74
C PHE C 102 3.17 8.59 -7.88
N THR C 103 2.13 8.99 -8.61
CA THR C 103 2.33 9.96 -9.68
C THR C 103 2.82 11.27 -9.05
N ARG C 104 2.34 11.57 -7.84
CA ARG C 104 2.74 12.79 -7.16
C ARG C 104 4.16 12.71 -6.57
N TYR C 105 4.77 11.54 -6.67
CA TYR C 105 6.15 11.35 -6.22
C TYR C 105 7.07 11.54 -7.43
N TYR C 106 6.49 11.89 -8.58
CA TYR C 106 7.26 12.08 -9.80
C TYR C 106 6.85 13.33 -10.58
N ALA C 107 7.74 13.79 -11.46
CA ALA C 107 7.47 14.99 -12.25
C ALA C 107 6.85 14.74 -13.63
N GLN C 108 7.02 13.53 -14.15
CA GLN C 108 6.47 13.20 -15.47
C GLN C 108 5.83 11.82 -15.51
N TRP C 109 4.85 11.66 -16.40
CA TRP C 109 4.16 10.39 -16.55
C TRP C 109 3.81 10.12 -18.02
N SER C 110 3.50 8.87 -18.31
CA SER C 110 3.11 8.44 -19.64
C SER C 110 2.32 7.15 -19.50
N GLY C 111 1.44 6.88 -20.47
CA GLY C 111 0.68 5.65 -20.42
C GLY C 111 -0.83 5.77 -20.42
N SER C 112 -1.48 4.69 -20.83
CA SER C 112 -2.93 4.62 -20.87
C SER C 112 -3.41 4.42 -19.43
N LEU C 113 -4.65 4.80 -19.17
CA LEU C 113 -5.21 4.65 -17.83
C LEU C 113 -6.46 3.79 -17.86
N ASP C 114 -6.61 2.99 -16.80
CA ASP C 114 -7.77 2.12 -16.66
C ASP C 114 -8.75 2.73 -15.67
N PHE C 115 -9.91 3.14 -16.17
CA PHE C 115 -10.97 3.66 -15.31
C PHE C 115 -12.07 2.61 -15.36
N THR C 116 -12.31 1.96 -14.23
CA THR C 116 -13.33 0.94 -14.15
C THR C 116 -14.44 1.40 -13.20
N PHE C 117 -15.67 1.10 -13.57
CA PHE C 117 -16.81 1.52 -12.76
C PHE C 117 -17.69 0.32 -12.39
N MET C 118 -18.15 0.29 -11.15
CA MET C 118 -18.99 -0.81 -10.68
C MET C 118 -20.34 -0.25 -10.24
N PHE C 119 -21.41 -0.77 -10.82
CA PHE C 119 -22.75 -0.32 -10.45
C PHE C 119 -23.17 -1.06 -9.18
N CYS C 120 -23.77 -0.34 -8.25
CA CYS C 120 -24.16 -0.95 -6.98
C CYS C 120 -25.65 -0.86 -6.62
N GLY C 121 -26.50 -0.72 -7.61
CA GLY C 121 -27.94 -0.67 -7.35
C GLY C 121 -28.47 -2.08 -7.16
N THR C 122 -29.79 -2.25 -7.03
CA THR C 122 -30.36 -3.58 -6.84
C THR C 122 -30.23 -4.40 -8.12
N PHE C 123 -30.44 -5.70 -7.99
CA PHE C 123 -30.39 -6.61 -9.12
C PHE C 123 -31.43 -6.23 -10.17
N MET C 124 -32.56 -5.68 -9.71
CA MET C 124 -33.66 -5.27 -10.60
C MET C 124 -33.47 -3.90 -11.24
N THR C 125 -32.52 -3.13 -10.74
CA THR C 125 -32.26 -1.80 -11.27
C THR C 125 -31.44 -1.87 -12.56
N THR C 126 -31.99 -1.34 -13.64
CA THR C 126 -31.28 -1.38 -14.92
C THR C 126 -30.83 0.02 -15.35
N GLY C 127 -30.12 0.07 -16.46
CA GLY C 127 -29.65 1.34 -16.97
C GLY C 127 -28.53 1.19 -17.97
N LYS C 128 -28.36 2.21 -18.79
CA LYS C 128 -27.29 2.24 -19.78
C LYS C 128 -26.67 3.63 -19.63
N VAL C 129 -25.35 3.69 -19.56
CA VAL C 129 -24.68 4.97 -19.45
C VAL C 129 -23.52 4.98 -20.41
N ILE C 130 -23.12 6.18 -20.83
CA ILE C 130 -22.01 6.32 -21.74
C ILE C 130 -20.91 7.08 -21.01
N ILE C 131 -19.68 6.57 -21.09
CA ILE C 131 -18.53 7.18 -20.45
C ILE C 131 -17.57 7.56 -21.56
N ALA C 132 -17.19 8.83 -21.62
CA ALA C 132 -16.33 9.29 -22.69
C ALA C 132 -15.05 9.98 -22.24
N TYR C 133 -14.01 9.80 -23.05
CA TYR C 133 -12.73 10.44 -22.83
C TYR C 133 -12.58 11.47 -23.94
N THR C 134 -12.41 12.73 -23.57
CA THR C 134 -12.25 13.80 -24.53
C THR C 134 -10.79 14.27 -24.58
N PRO C 135 -10.07 13.94 -25.66
CA PRO C 135 -8.67 14.38 -25.76
C PRO C 135 -8.66 15.91 -25.69
N PRO C 136 -7.56 16.51 -25.22
CA PRO C 136 -7.42 17.96 -25.09
C PRO C 136 -7.57 18.84 -26.34
N GLY C 137 -7.68 20.14 -26.10
CA GLY C 137 -7.86 21.11 -27.16
C GLY C 137 -8.85 22.16 -26.74
N GLY C 138 -9.93 21.74 -26.10
CA GLY C 138 -10.95 22.67 -25.65
C GLY C 138 -11.37 22.41 -24.22
N ASP C 139 -12.61 22.80 -23.89
CA ASP C 139 -13.14 22.59 -22.54
C ASP C 139 -13.87 21.25 -22.50
N GLN C 140 -14.31 20.84 -21.33
CA GLN C 140 -15.03 19.58 -21.21
C GLN C 140 -16.29 19.67 -22.06
N PRO C 141 -16.74 18.54 -22.64
CA PRO C 141 -17.95 18.56 -23.46
C PRO C 141 -19.16 19.08 -22.69
N THR C 142 -19.98 19.89 -23.35
CA THR C 142 -21.16 20.48 -22.71
C THR C 142 -22.40 19.59 -22.71
N ASN C 143 -22.47 18.64 -23.64
CA ASN C 143 -23.61 17.73 -23.70
C ASN C 143 -23.19 16.36 -24.21
N ARG C 144 -24.10 15.40 -24.12
CA ARG C 144 -23.81 14.03 -24.55
C ARG C 144 -23.40 13.93 -26.01
N ARG C 145 -24.05 14.70 -26.88
CA ARG C 145 -23.71 14.65 -28.30
C ARG C 145 -22.25 15.00 -28.53
N GLN C 146 -21.77 16.05 -27.87
CA GLN C 146 -20.39 16.44 -28.04
C GLN C 146 -19.44 15.41 -27.44
N ALA C 147 -19.81 14.89 -26.26
CA ALA C 147 -18.99 13.90 -25.58
C ALA C 147 -18.79 12.61 -26.37
N MET C 148 -19.85 12.11 -26.98
CA MET C 148 -19.77 10.85 -27.72
C MET C 148 -18.89 10.86 -28.97
N LEU C 149 -18.43 12.05 -29.37
CA LEU C 149 -17.56 12.15 -30.54
C LEU C 149 -16.15 11.70 -30.19
N GLY C 150 -15.86 11.59 -28.89
CA GLY C 150 -14.55 11.17 -28.44
C GLY C 150 -14.49 9.68 -28.14
N THR C 151 -13.42 9.25 -27.48
CA THR C 151 -13.27 7.84 -27.12
C THR C 151 -14.31 7.53 -26.06
N HIS C 152 -15.04 6.43 -26.22
CA HIS C 152 -16.06 6.10 -25.23
C HIS C 152 -16.51 4.65 -25.20
N VAL C 153 -17.26 4.33 -24.15
CA VAL C 153 -17.81 3.00 -23.99
C VAL C 153 -19.25 3.16 -23.52
N VAL C 154 -20.14 2.31 -24.03
CA VAL C 154 -21.53 2.33 -23.60
C VAL C 154 -21.66 1.14 -22.67
N TRP C 155 -22.07 1.42 -21.44
CA TRP C 155 -22.20 0.43 -20.38
C TRP C 155 -23.64 0.02 -20.11
N ASP C 156 -23.88 -1.28 -20.08
CA ASP C 156 -25.21 -1.82 -19.82
C ASP C 156 -25.19 -2.50 -18.46
N PHE C 157 -26.01 -2.03 -17.53
CA PHE C 157 -26.05 -2.63 -16.20
C PHE C 157 -26.59 -4.06 -16.31
N GLY C 158 -25.90 -5.00 -15.67
CA GLY C 158 -26.33 -6.39 -15.72
C GLY C 158 -25.51 -7.26 -14.80
N LEU C 159 -25.53 -8.57 -15.04
CA LEU C 159 -24.78 -9.51 -14.20
C LEU C 159 -23.33 -9.08 -14.01
N GLN C 160 -22.64 -8.77 -15.11
CA GLN C 160 -21.27 -8.29 -15.00
C GLN C 160 -21.47 -6.85 -14.54
N SER C 161 -21.23 -6.62 -13.25
CA SER C 161 -21.44 -5.33 -12.62
C SER C 161 -20.59 -4.15 -13.05
N SER C 162 -19.45 -4.43 -13.65
CA SER C 162 -18.53 -3.36 -14.00
C SER C 162 -18.20 -3.20 -15.47
N ILE C 163 -17.64 -2.04 -15.79
CA ILE C 163 -17.24 -1.71 -17.15
C ILE C 163 -15.91 -0.98 -17.06
N THR C 164 -15.10 -1.10 -18.10
CA THR C 164 -13.83 -0.39 -18.13
C THR C 164 -13.81 0.57 -19.30
N LEU C 165 -13.37 1.80 -19.03
CA LEU C 165 -13.18 2.78 -20.08
C LEU C 165 -11.68 2.98 -20.05
N VAL C 166 -10.99 2.65 -21.13
CA VAL C 166 -9.56 2.88 -21.16
C VAL C 166 -9.34 4.27 -21.71
N VAL C 167 -8.59 5.09 -20.97
CA VAL C 167 -8.24 6.43 -21.43
C VAL C 167 -6.87 6.16 -22.04
N PRO C 168 -6.84 5.89 -23.36
CA PRO C 168 -5.58 5.60 -24.03
C PRO C 168 -4.62 6.76 -24.03
N TRP C 169 -3.32 6.46 -24.02
CA TRP C 169 -2.33 7.51 -24.03
C TRP C 169 -2.36 8.17 -25.40
N ILE C 170 -2.88 9.39 -25.44
CA ILE C 170 -2.95 10.16 -26.67
C ILE C 170 -2.35 11.49 -26.26
N SER C 171 -1.09 11.69 -26.65
CA SER C 171 -0.36 12.89 -26.29
C SER C 171 0.61 13.28 -27.40
N SER C 172 0.90 14.57 -27.49
CA SER C 172 1.84 15.06 -28.49
C SER C 172 3.22 14.52 -28.14
N GLY C 173 3.60 14.66 -26.88
CA GLY C 173 4.90 14.17 -26.42
C GLY C 173 4.81 12.81 -25.73
N HIS C 174 5.95 12.13 -25.65
CA HIS C 174 6.02 10.81 -25.01
C HIS C 174 5.67 10.84 -23.53
N PHE C 175 5.84 12.00 -22.89
CA PHE C 175 5.52 12.17 -21.48
C PHE C 175 4.80 13.48 -21.25
N ARG C 176 4.13 13.58 -20.10
CA ARG C 176 3.42 14.78 -19.70
C ARG C 176 3.90 15.15 -18.30
N GLY C 177 3.85 16.44 -17.96
CA GLY C 177 4.22 16.83 -16.61
C GLY C 177 3.10 16.34 -15.73
N THR C 178 3.40 16.03 -14.46
CA THR C 178 2.35 15.53 -13.56
C THR C 178 1.51 16.63 -12.92
N THR C 179 1.98 17.88 -13.02
CA THR C 179 1.23 19.00 -12.48
C THR C 179 0.80 19.86 -13.66
N LEU C 180 -0.26 20.63 -13.47
CA LEU C 180 -0.74 21.54 -14.52
C LEU C 180 -0.60 22.98 -14.01
N GLU C 181 0.23 23.14 -12.97
CA GLU C 181 0.50 24.45 -12.37
C GLU C 181 0.80 25.43 -13.50
N ASN C 182 0.06 26.53 -13.53
CA ASN C 182 0.19 27.50 -14.61
C ASN C 182 0.91 28.81 -14.33
N THR C 183 0.63 29.43 -13.19
CA THR C 183 1.24 30.71 -12.85
C THR C 183 2.75 30.79 -13.08
N ILE C 184 3.47 29.75 -12.67
CA ILE C 184 4.93 29.76 -12.83
C ILE C 184 5.47 29.03 -14.06
N TYR C 185 5.12 27.75 -14.19
CA TYR C 185 5.62 26.93 -15.29
C TYR C 185 4.78 26.82 -16.57
N LYS C 186 3.54 27.29 -16.51
CA LYS C 186 2.65 27.22 -17.68
C LYS C 186 2.41 25.77 -18.09
N TYR C 187 2.39 24.87 -17.12
CA TYR C 187 2.18 23.46 -17.39
C TYR C 187 0.77 23.05 -17.83
N ARG C 188 -0.15 24.02 -17.91
CA ARG C 188 -1.51 23.70 -18.37
C ARG C 188 -1.34 23.13 -19.77
N TYR C 189 -0.17 23.37 -20.34
CA TYR C 189 0.24 22.89 -21.66
C TYR C 189 0.00 21.38 -21.78
N TYR C 190 0.23 20.67 -20.69
CA TYR C 190 0.10 19.22 -20.63
C TYR C 190 -1.28 18.60 -20.36
N GLU C 191 -2.31 19.40 -20.12
CA GLU C 191 -3.63 18.84 -19.81
C GLU C 191 -3.99 17.65 -20.69
N ALA C 192 -4.33 16.53 -20.04
CA ALA C 192 -4.64 15.29 -20.75
C ALA C 192 -6.08 15.11 -21.21
N GLY C 193 -6.96 16.03 -20.84
CA GLY C 193 -8.34 15.89 -21.27
C GLY C 193 -9.32 15.58 -20.17
N TYR C 194 -10.52 15.15 -20.56
CA TYR C 194 -11.56 14.86 -19.58
C TYR C 194 -12.28 13.54 -19.76
N ILE C 195 -12.87 13.09 -18.67
CA ILE C 195 -13.68 11.89 -18.68
C ILE C 195 -15.03 12.37 -18.17
N THR C 196 -16.10 12.08 -18.92
CA THR C 196 -17.44 12.48 -18.52
C THR C 196 -18.37 11.28 -18.65
N MET C 197 -19.44 11.28 -17.87
CA MET C 197 -20.40 10.20 -17.87
C MET C 197 -21.80 10.77 -18.06
N TRP C 198 -22.62 10.12 -18.87
CA TRP C 198 -23.98 10.57 -19.16
C TRP C 198 -24.96 9.42 -19.21
N TYR C 199 -26.24 9.72 -19.01
CA TYR C 199 -27.26 8.69 -19.11
C TYR C 199 -27.38 8.39 -20.60
N GLN C 200 -27.30 7.11 -20.96
CA GLN C 200 -27.44 6.71 -22.36
C GLN C 200 -28.95 6.54 -22.57
N THR C 201 -29.59 5.91 -21.59
CA THR C 201 -31.04 5.74 -21.60
C THR C 201 -31.51 6.35 -20.28
N ASN C 202 -31.72 5.53 -19.26
CA ASN C 202 -32.15 6.00 -17.95
C ASN C 202 -31.97 4.89 -16.93
N MET C 203 -31.94 5.26 -15.65
CA MET C 203 -31.86 4.26 -14.58
C MET C 203 -33.34 3.93 -14.38
N VAL C 204 -33.69 2.65 -14.43
CA VAL C 204 -35.08 2.25 -14.29
C VAL C 204 -35.26 1.24 -13.16
N VAL C 205 -36.30 1.43 -12.35
CA VAL C 205 -36.54 0.52 -11.23
C VAL C 205 -38.00 0.10 -11.09
N PRO C 206 -38.24 -1.00 -10.36
CA PRO C 206 -39.60 -1.53 -10.13
C PRO C 206 -40.31 -0.65 -9.10
N PRO C 207 -41.58 -0.97 -8.78
CA PRO C 207 -42.34 -0.18 -7.80
C PRO C 207 -41.69 -0.16 -6.42
N ASN C 208 -41.72 1.01 -5.78
CA ASN C 208 -41.20 1.19 -4.43
C ASN C 208 -39.70 0.90 -4.20
N PHE C 209 -38.93 0.80 -5.28
CA PHE C 209 -37.50 0.55 -5.16
C PHE C 209 -36.77 1.86 -4.93
N PRO C 210 -35.53 1.80 -4.42
CA PRO C 210 -34.79 3.05 -4.19
C PRO C 210 -34.63 3.68 -5.57
N THR C 211 -34.94 4.97 -5.69
CA THR C 211 -34.83 5.65 -6.98
C THR C 211 -33.45 6.29 -7.17
N THR C 212 -32.57 6.04 -6.20
CA THR C 212 -31.20 6.53 -6.27
C THR C 212 -30.30 5.32 -6.06
N ALA C 213 -29.12 5.35 -6.67
CA ALA C 213 -28.17 4.25 -6.54
C ALA C 213 -26.78 4.83 -6.68
N SER C 214 -25.76 4.00 -6.49
CA SER C 214 -24.38 4.47 -6.57
C SER C 214 -23.50 3.68 -7.53
N ILE C 215 -22.48 4.35 -8.03
CA ILE C 215 -21.47 3.74 -8.89
C ILE C 215 -20.14 4.03 -8.20
N LEU C 216 -19.29 3.01 -8.07
CA LEU C 216 -17.98 3.21 -7.47
C LEU C 216 -17.01 3.34 -8.64
N MET C 217 -16.04 4.24 -8.51
CA MET C 217 -15.08 4.51 -9.57
C MET C 217 -13.65 4.10 -9.21
N PHE C 218 -13.07 3.23 -10.05
CA PHE C 218 -11.72 2.72 -9.84
C PHE C 218 -10.78 3.23 -10.93
N VAL C 219 -9.50 3.40 -10.59
CA VAL C 219 -8.52 3.84 -11.57
C VAL C 219 -7.18 3.16 -11.33
N ALA C 220 -6.46 2.90 -12.42
CA ALA C 220 -5.15 2.26 -12.34
C ALA C 220 -4.38 2.54 -13.61
N ALA C 221 -3.07 2.35 -13.54
CA ALA C 221 -2.22 2.53 -14.71
C ALA C 221 -2.30 1.27 -15.56
N GLN C 222 -2.14 1.43 -16.86
CA GLN C 222 -2.14 0.29 -17.79
C GLN C 222 -0.69 -0.20 -17.91
N PRO C 223 -0.46 -1.32 -18.61
CA PRO C 223 0.90 -1.87 -18.76
C PRO C 223 1.91 -1.02 -19.54
N ASN C 224 1.45 0.06 -20.18
CA ASN C 224 2.38 0.92 -20.93
C ASN C 224 2.67 2.23 -20.19
N PHE C 225 2.34 2.23 -18.89
CA PHE C 225 2.53 3.40 -18.03
C PHE C 225 3.88 3.43 -17.30
N SER C 226 4.46 4.61 -17.19
CA SER C 226 5.74 4.78 -16.48
C SER C 226 5.84 6.19 -15.91
N LEU C 227 6.76 6.37 -14.97
CA LEU C 227 6.98 7.67 -14.32
C LEU C 227 8.45 8.03 -14.34
N ARG C 228 8.75 9.34 -14.40
CA ARG C 228 10.14 9.79 -14.40
C ARG C 228 10.37 11.00 -13.49
N ILE C 229 11.59 11.12 -13.00
CA ILE C 229 12.03 12.21 -12.13
C ILE C 229 11.33 12.24 -10.78
N LEU C 230 11.92 11.57 -9.80
CA LEU C 230 11.37 11.51 -8.45
C LEU C 230 11.34 12.90 -7.81
N LYS C 231 10.31 13.16 -7.04
CA LYS C 231 10.18 14.44 -6.33
C LYS C 231 9.41 14.19 -5.05
N ASP C 232 9.56 15.07 -4.07
CA ASP C 232 8.86 14.89 -2.81
C ASP C 232 7.36 15.09 -2.97
N ARG C 233 6.60 14.16 -2.40
CA ARG C 233 5.14 14.21 -2.46
C ARG C 233 4.68 15.46 -1.68
N PRO C 234 3.98 16.38 -2.37
CA PRO C 234 3.50 17.61 -1.73
C PRO C 234 2.52 17.46 -0.56
N ASP C 235 1.91 16.29 -0.43
CA ASP C 235 0.94 16.02 0.62
C ASP C 235 1.57 15.76 2.00
N ILE C 236 2.85 15.37 2.01
CA ILE C 236 3.54 15.05 3.26
C ILE C 236 4.37 16.24 3.75
N SER C 237 3.96 16.81 4.88
CA SER C 237 4.66 17.96 5.44
C SER C 237 4.60 18.01 6.95
N GLN C 238 5.36 18.94 7.53
CA GLN C 238 5.36 19.12 8.98
C GLN C 238 5.78 20.54 9.31
N GLU C 239 5.25 21.09 10.40
CA GLU C 239 5.55 22.45 10.80
C GLU C 239 6.52 22.54 11.97
N GLY C 240 6.83 21.38 12.55
CA GLY C 240 7.74 21.35 13.68
C GLY C 240 8.10 19.93 14.04
N ALA C 241 8.83 19.77 15.14
CA ALA C 241 9.22 18.44 15.60
C ALA C 241 7.95 17.69 15.96
N LEU C 242 7.96 16.37 15.75
CA LEU C 242 6.81 15.55 16.08
C LEU C 242 6.86 15.11 17.53
N GLN C 243 5.70 15.11 18.20
CA GLN C 243 5.62 14.71 19.60
C GLN C 243 6.57 13.56 19.91
N GLY D 22 20.65 7.02 -21.38
CA GLY D 22 20.33 6.11 -20.22
C GLY D 22 21.57 5.47 -19.61
N SER D 23 21.41 4.30 -19.00
CA SER D 23 22.52 3.61 -18.37
C SER D 23 23.58 3.22 -19.40
N ASN D 24 24.84 3.25 -18.97
CA ASN D 24 25.95 2.88 -19.84
C ASN D 24 25.98 1.36 -20.04
N ILE D 25 26.32 0.94 -21.25
CA ILE D 25 26.41 -0.49 -21.56
C ILE D 25 27.76 -0.99 -21.04
N HIS D 26 28.66 -0.03 -20.77
CA HIS D 26 29.99 -0.33 -20.27
C HIS D 26 30.36 0.64 -19.16
N TYR D 27 30.74 0.09 -18.01
CA TYR D 27 31.15 0.89 -16.86
C TYR D 27 31.81 -0.04 -15.84
N THR D 28 32.72 0.50 -15.04
CA THR D 28 33.44 -0.27 -14.04
C THR D 28 32.59 -0.65 -12.83
N ASN D 29 32.70 -1.90 -12.40
CA ASN D 29 31.94 -2.39 -11.25
C ASN D 29 32.79 -3.29 -10.37
N ILE D 30 33.83 -2.72 -9.76
CA ILE D 30 34.71 -3.49 -8.87
C ILE D 30 34.45 -3.06 -7.43
N ASN D 31 34.32 -4.04 -6.54
CA ASN D 31 34.07 -3.75 -5.13
C ASN D 31 35.39 -3.60 -4.38
N TYR D 32 35.55 -2.47 -3.69
CA TYR D 32 36.77 -2.19 -2.95
C TYR D 32 36.70 -2.63 -1.50
N TYR D 33 35.49 -2.90 -1.01
CA TYR D 33 35.32 -3.26 0.39
C TYR D 33 34.90 -4.70 0.68
N GLU D 34 35.16 -5.11 1.92
CA GLU D 34 34.87 -6.47 2.37
C GLU D 34 33.39 -6.86 2.44
N ASN D 35 32.59 -5.99 3.03
CA ASN D 35 31.16 -6.28 3.20
C ASN D 35 30.28 -5.74 2.08
N ALA D 36 29.30 -6.55 1.65
CA ALA D 36 28.39 -6.16 0.58
C ALA D 36 27.63 -4.86 0.88
N ALA D 37 27.48 -4.54 2.17
CA ALA D 37 26.77 -3.32 2.56
C ALA D 37 27.49 -2.08 2.04
N SER D 38 28.79 -2.21 1.79
CA SER D 38 29.60 -1.10 1.28
C SER D 38 29.38 -0.83 -0.20
N ASN D 39 28.88 -1.83 -0.93
CA ASN D 39 28.67 -1.72 -2.36
C ASN D 39 27.73 -0.59 -2.79
N SER D 40 27.91 -0.11 -4.01
CA SER D 40 27.06 0.94 -4.55
C SER D 40 25.68 0.32 -4.81
N LEU D 41 24.72 1.16 -5.20
CA LEU D 41 23.36 0.70 -5.47
C LEU D 41 23.23 -0.40 -6.50
N ASN D 42 22.19 -1.22 -6.38
CA ASN D 42 21.93 -2.29 -7.34
C ASN D 42 21.62 -1.63 -8.68
N LYS D 43 21.94 -2.32 -9.77
CA LYS D 43 21.71 -1.78 -11.10
C LYS D 43 20.77 -2.62 -11.97
N GLN D 44 19.79 -3.26 -11.36
CA GLN D 44 18.82 -4.07 -12.11
C GLN D 44 17.69 -3.14 -12.56
N ASP D 45 16.82 -2.81 -11.61
CA ASP D 45 15.71 -1.88 -11.84
C ASP D 45 14.58 -2.31 -12.76
N PHE D 46 14.38 -3.62 -12.92
CA PHE D 46 13.29 -4.05 -13.78
C PHE D 46 12.00 -4.11 -12.98
N THR D 47 10.92 -4.46 -13.67
CA THR D 47 9.63 -4.60 -13.01
C THR D 47 9.17 -6.02 -13.31
N GLN D 48 8.20 -6.51 -12.56
CA GLN D 48 7.71 -7.87 -12.78
C GLN D 48 6.21 -7.83 -13.04
N ASP D 49 5.68 -8.89 -13.63
CA ASP D 49 4.24 -8.96 -13.88
C ASP D 49 3.58 -8.71 -12.53
N PRO D 50 2.63 -7.78 -12.47
CA PRO D 50 1.91 -7.40 -11.25
C PRO D 50 0.73 -8.26 -10.84
N GLU D 51 0.50 -9.37 -11.54
CA GLU D 51 -0.65 -10.24 -11.24
C GLU D 51 -0.86 -10.64 -9.79
N LYS D 52 0.22 -10.79 -9.02
CA LYS D 52 0.06 -11.18 -7.63
C LYS D 52 -0.69 -10.10 -6.85
N PHE D 53 -0.69 -8.89 -7.39
CA PHE D 53 -1.39 -7.76 -6.76
C PHE D 53 -2.65 -7.37 -7.54
N THR D 54 -2.56 -7.39 -8.86
CA THR D 54 -3.69 -7.00 -9.71
C THR D 54 -4.74 -8.07 -9.96
N ARG D 55 -4.33 -9.34 -9.97
CA ARG D 55 -5.29 -10.41 -10.21
C ARG D 55 -4.98 -11.66 -9.39
N PRO D 56 -5.02 -11.54 -8.06
CA PRO D 56 -4.74 -12.64 -7.13
C PRO D 56 -5.95 -13.56 -6.97
N VAL D 57 -6.40 -14.14 -8.08
CA VAL D 57 -7.55 -15.02 -8.06
C VAL D 57 -7.22 -16.45 -8.45
N VAL D 58 -8.02 -17.39 -7.95
CA VAL D 58 -7.83 -18.80 -8.24
C VAL D 58 -8.24 -19.17 -9.65
N ASP D 59 -9.42 -18.73 -10.08
CA ASP D 59 -9.90 -19.04 -11.42
C ASP D 59 -9.49 -17.98 -12.43
N VAL D 60 -8.93 -18.43 -13.55
CA VAL D 60 -8.52 -17.51 -14.60
C VAL D 60 -9.77 -16.91 -15.23
N MET D 61 -9.76 -15.60 -15.43
CA MET D 61 -10.88 -14.91 -16.06
C MET D 61 -10.30 -14.21 -17.28
N LYS D 62 -10.36 -14.90 -18.42
CA LYS D 62 -9.83 -14.38 -19.68
C LYS D 62 -10.43 -13.04 -20.08
N GLU D 63 -9.62 -12.20 -20.71
CA GLU D 63 -10.07 -10.88 -21.13
C GLU D 63 -11.28 -10.92 -22.07
N ALA D 64 -11.33 -11.90 -22.98
CA ALA D 64 -12.43 -11.96 -23.94
C ALA D 64 -13.74 -12.57 -23.42
N ALA D 65 -13.74 -13.14 -22.22
CA ALA D 65 -14.95 -13.76 -21.69
C ALA D 65 -15.58 -12.89 -20.60
N VAL D 66 -16.76 -13.27 -20.11
CA VAL D 66 -17.38 -12.51 -19.03
C VAL D 66 -16.70 -13.02 -17.75
N PRO D 67 -16.56 -12.16 -16.74
CA PRO D 67 -15.92 -12.59 -15.49
C PRO D 67 -16.64 -13.70 -14.73
N LEU D 68 -17.95 -13.57 -14.58
CA LEU D 68 -18.73 -14.54 -13.81
C LEU D 68 -19.88 -15.22 -14.54
N LYS D 69 -20.05 -16.51 -14.29
CA LYS D 69 -21.14 -17.28 -14.89
C LYS D 69 -21.57 -18.40 -13.95
#